data_9BON
#
_entry.id   9BON
#
_cell.length_a   75.093
_cell.length_b   64.730
_cell.length_c   121.181
_cell.angle_alpha   90.00
_cell.angle_beta   102.03
_cell.angle_gamma   90.00
#
_symmetry.space_group_name_H-M   'P 1 21 1'
#
loop_
_entity.id
_entity.type
_entity.pdbx_description
1 polymer TpeL
2 water water
#
_entity_poly.entity_id   1
_entity_poly.type   'polypeptide(L)'
_entity_poly.pdbx_seq_one_letter_code
;MGLMSKEQLIILAKNSSPKEGEYKKILELLDEYNLLNNSVEKNSIDLYLKLNELSKSIDIYLKKYKNSKRNNALYQLKSD
LTKEVIEIKDTNLKPLEKNIHFVWVGGMINNISIDYINQWKDINSDYETIIWYDSEALLVNILKKAIIDSSNKEVLTKYE
SVLNDNSFDSNKFYRERMEVIFRKQKEFNNYYNTNDNYTKSLNDVIKVYLIEKYLKTDEELEKYINESKEVFKANGAKDI
REYDILDDVELKSIYEQELLMRFNLASASDIIRVIVLNKLGGIYLDVDVLPGIKKHIFKDINKPTNISENKWQMIQLETI
MKYKQYIKGYTENSFKNLPSDLQEMLQEKVVEKNLKSDIFQRLGDIFISELDTKIAFMFGKIANQVLISKKNSYSLNLII
NQIKNRYNIINKCLSSAIEKGSNFNNTVDIFIQQLNEFYVNEGFFVSKVMGYLGDGYMPDMRATLNISGPGIYTAAYYDL
LYFNERSLNPQILQEDLKYFEVPQALISQQTEQEINSSWTFNQVKSQIEYKKLVEKYTNKSLSLEHHHHHH
;
_entity_poly.pdbx_strand_id   A,B
#
# COMPACT_ATOMS: atom_id res chain seq x y z
N MET A 1 1.39 23.49 -18.77
CA MET A 1 1.96 22.96 -20.00
C MET A 1 2.74 21.69 -19.72
N GLY A 2 2.73 20.75 -20.66
CA GLY A 2 3.47 19.52 -20.50
C GLY A 2 4.49 19.25 -21.57
N LEU A 3 4.41 18.06 -22.16
CA LEU A 3 5.30 17.63 -23.22
C LEU A 3 4.73 18.03 -24.58
N MET A 4 5.60 18.07 -25.57
CA MET A 4 5.15 18.33 -26.94
C MET A 4 4.20 17.21 -27.39
N SER A 5 3.27 17.59 -28.25
CA SER A 5 2.35 16.62 -28.82
C SER A 5 3.07 15.66 -29.76
N LYS A 6 2.43 14.53 -30.05
CA LYS A 6 2.98 13.64 -31.06
C LYS A 6 3.00 14.28 -32.45
N GLU A 7 1.95 15.03 -32.86
CA GLU A 7 2.11 15.63 -34.20
C GLU A 7 3.19 16.72 -34.15
N GLN A 8 3.44 17.35 -32.99
CA GLN A 8 4.51 18.36 -32.94
C GLN A 8 5.88 17.72 -33.15
N LEU A 9 6.11 16.54 -32.57
CA LEU A 9 7.39 15.85 -32.75
C LEU A 9 7.55 15.35 -34.17
N ILE A 10 6.44 14.86 -34.77
CA ILE A 10 6.48 14.38 -36.15
C ILE A 10 6.93 15.50 -37.10
N ILE A 11 6.46 16.72 -36.86
CA ILE A 11 6.83 17.83 -37.74
C ILE A 11 8.27 18.27 -37.49
N LEU A 12 8.70 18.26 -36.22
CA LEU A 12 10.06 18.69 -35.91
C LEU A 12 11.09 17.71 -36.42
N ALA A 13 10.77 16.41 -36.36
CA ALA A 13 11.74 15.37 -36.71
C ALA A 13 11.58 14.81 -38.12
N LYS A 14 10.68 15.36 -38.94
CA LYS A 14 10.47 14.80 -40.28
C LYS A 14 11.65 14.93 -41.20
N ASN A 15 11.90 13.85 -41.93
CA ASN A 15 12.81 13.84 -43.05
C ASN A 15 12.16 12.99 -44.15
N SER A 16 12.92 12.74 -45.21
CA SER A 16 12.42 12.01 -46.38
C SER A 16 12.38 10.50 -46.20
N SER A 17 13.02 9.97 -45.16
CA SER A 17 13.04 8.54 -44.87
C SER A 17 11.79 8.08 -44.14
N PRO A 18 11.40 6.82 -44.30
CA PRO A 18 10.26 6.30 -43.51
C PRO A 18 10.61 6.19 -42.03
N LYS A 19 9.56 6.05 -41.23
CA LYS A 19 9.74 5.96 -39.78
C LYS A 19 10.38 4.62 -39.44
N GLU A 20 11.46 4.66 -38.67
CA GLU A 20 12.06 3.44 -38.17
C GLU A 20 11.16 2.87 -37.07
N GLY A 21 11.35 1.57 -36.80
CA GLY A 21 10.55 0.93 -35.77
C GLY A 21 10.77 1.54 -34.40
N GLU A 22 12.02 1.89 -34.09
CA GLU A 22 12.32 2.51 -32.81
C GLU A 22 11.74 3.91 -32.70
N TYR A 23 11.62 4.61 -33.84
CA TYR A 23 10.99 5.92 -33.84
C TYR A 23 9.49 5.82 -33.59
N LYS A 24 8.83 4.82 -34.20
CA LYS A 24 7.40 4.63 -33.96
C LYS A 24 7.11 4.32 -32.49
N LYS A 25 8.04 3.64 -31.82
CA LYS A 25 7.84 3.32 -30.41
C LYS A 25 7.88 4.59 -29.55
N ILE A 26 8.81 5.50 -29.87
CA ILE A 26 8.85 6.79 -29.18
C ILE A 26 7.53 7.53 -29.39
N LEU A 27 7.02 7.54 -30.62
CA LEU A 27 5.82 8.29 -30.94
C LEU A 27 4.60 7.76 -30.20
N GLU A 28 4.43 6.44 -30.16
CA GLU A 28 3.28 5.90 -29.45
C GLU A 28 3.41 6.07 -27.95
N LEU A 29 4.65 6.01 -27.43
CA LEU A 29 4.88 6.28 -26.01
C LEU A 29 4.57 7.73 -25.67
N LEU A 30 4.96 8.66 -26.55
CA LEU A 30 4.60 10.06 -26.36
C LEU A 30 3.09 10.23 -26.34
N ASP A 31 2.39 9.58 -27.27
CA ASP A 31 0.92 9.61 -27.27
C ASP A 31 0.37 9.09 -25.95
N GLU A 32 0.90 7.96 -25.48
CA GLU A 32 0.40 7.37 -24.23
C GLU A 32 0.62 8.31 -23.06
N TYR A 33 1.78 8.97 -23.00
CA TYR A 33 2.01 9.92 -21.92
C TYR A 33 1.02 11.07 -21.97
N ASN A 34 0.82 11.65 -23.16
CA ASN A 34 -0.04 12.83 -23.26
C ASN A 34 -1.49 12.49 -22.98
N LEU A 35 -1.94 11.30 -23.37
CA LEU A 35 -3.27 10.84 -22.97
C LEU A 35 -3.35 10.64 -21.46
N LEU A 36 -2.27 10.12 -20.87
CA LEU A 36 -2.21 9.94 -19.41
C LEU A 36 -2.28 11.28 -18.68
N ASN A 37 -1.68 12.33 -19.25
CA ASN A 37 -1.58 13.63 -18.59
C ASN A 37 -2.88 14.41 -18.65
N ASN A 38 -3.84 13.98 -19.46
CA ASN A 38 -5.11 14.69 -19.60
C ASN A 38 -6.29 13.93 -18.99
N SER A 39 -6.02 12.87 -18.22
CA SER A 39 -7.06 12.07 -17.56
C SER A 39 -7.53 12.70 -16.24
N VAL A 40 -8.66 12.18 -15.74
CA VAL A 40 -9.17 12.59 -14.44
C VAL A 40 -8.20 12.23 -13.32
N GLU A 41 -7.55 11.06 -13.40
CA GLU A 41 -6.76 10.62 -12.28
C GLU A 41 -5.42 11.34 -12.22
N LYS A 42 -4.71 11.41 -13.34
CA LYS A 42 -3.41 12.03 -13.40
C LYS A 42 -2.60 11.61 -12.17
N ASN A 43 -2.13 10.38 -12.17
CA ASN A 43 -1.39 9.86 -11.04
C ASN A 43 0.09 10.12 -11.27
N SER A 44 0.72 10.82 -10.32
CA SER A 44 2.10 11.25 -10.49
C SER A 44 3.02 10.06 -10.78
N ILE A 45 2.83 8.96 -10.06
CA ILE A 45 3.72 7.83 -10.22
C ILE A 45 3.51 7.14 -11.57
N ASP A 46 2.24 7.01 -11.99
CA ASP A 46 1.97 6.42 -13.30
C ASP A 46 2.55 7.29 -14.42
N LEU A 47 2.45 8.61 -14.28
CA LEU A 47 3.05 9.51 -15.27
C LEU A 47 4.56 9.38 -15.28
N TYR A 48 5.18 9.26 -14.10
CA TYR A 48 6.64 9.15 -14.06
C TYR A 48 7.10 7.89 -14.76
N LEU A 49 6.42 6.77 -14.51
CA LEU A 49 6.81 5.51 -15.12
C LEU A 49 6.70 5.58 -16.64
N LYS A 50 5.69 6.30 -17.15
CA LYS A 50 5.57 6.45 -18.60
C LYS A 50 6.71 7.30 -19.15
N LEU A 51 7.11 8.36 -18.43
CA LEU A 51 8.26 9.15 -18.84
C LEU A 51 9.52 8.29 -18.86
N ASN A 52 9.67 7.41 -17.87
CA ASN A 52 10.83 6.52 -17.84
C ASN A 52 10.85 5.63 -19.07
N GLU A 53 9.69 5.05 -19.42
CA GLU A 53 9.57 4.31 -20.68
C GLU A 53 10.00 5.17 -21.86
N LEU A 54 9.47 6.40 -21.92
CA LEU A 54 9.82 7.28 -23.03
C LEU A 54 11.31 7.56 -23.07
N SER A 55 11.92 7.73 -21.90
CA SER A 55 13.35 8.04 -21.84
C SER A 55 14.18 6.88 -22.37
N LYS A 56 13.84 5.64 -21.97
CA LYS A 56 14.59 4.49 -22.44
C LYS A 56 14.37 4.27 -23.94
N SER A 57 13.19 4.64 -24.45
CA SER A 57 12.90 4.52 -25.87
C SER A 57 13.72 5.51 -26.70
N ILE A 58 13.97 6.71 -26.19
CA ILE A 58 14.77 7.68 -26.92
C ILE A 58 16.24 7.25 -26.93
N ASP A 59 16.72 6.73 -25.80
CA ASP A 59 18.10 6.28 -25.73
C ASP A 59 18.36 5.14 -26.71
N ILE A 60 17.37 4.26 -26.91
CA ILE A 60 17.52 3.15 -27.85
C ILE A 60 17.71 3.68 -29.26
N TYR A 61 16.88 4.64 -29.66
CA TYR A 61 17.00 5.23 -30.98
C TYR A 61 18.33 5.94 -31.14
N LEU A 62 18.71 6.75 -30.14
CA LEU A 62 19.92 7.56 -30.25
C LEU A 62 21.17 6.71 -30.39
N LYS A 63 21.17 5.50 -29.82
CA LYS A 63 22.34 4.65 -29.90
C LYS A 63 22.32 3.78 -31.15
N LYS A 64 21.15 3.51 -31.72
CA LYS A 64 21.10 2.69 -32.94
C LYS A 64 21.36 3.53 -34.19
N TYR A 65 20.86 4.77 -34.23
CA TYR A 65 21.01 5.65 -35.38
C TYR A 65 21.76 6.88 -34.91
N LYS A 66 23.07 6.74 -34.72
CA LYS A 66 23.80 7.83 -34.05
C LYS A 66 23.99 9.05 -34.93
N ASN A 67 23.65 8.96 -36.22
CA ASN A 67 23.75 10.11 -37.11
C ASN A 67 22.40 10.49 -37.70
N SER A 68 21.30 10.00 -37.15
CA SER A 68 19.99 10.33 -37.71
C SER A 68 19.71 11.83 -37.61
N LYS A 69 19.04 12.37 -38.62
CA LYS A 69 18.64 13.77 -38.58
C LYS A 69 17.51 14.03 -37.60
N ARG A 70 16.86 12.98 -37.10
CA ARG A 70 15.85 13.13 -36.06
C ARG A 70 16.46 13.41 -34.69
N ASN A 71 17.78 13.21 -34.54
CA ASN A 71 18.37 13.17 -33.21
C ASN A 71 18.30 14.53 -32.51
N ASN A 72 18.33 15.62 -33.27
CA ASN A 72 18.26 16.93 -32.63
C ASN A 72 16.92 17.14 -31.92
N ALA A 73 15.83 16.81 -32.62
CA ALA A 73 14.52 16.87 -31.99
C ALA A 73 14.41 15.88 -30.85
N LEU A 74 15.03 14.71 -31.01
CA LEU A 74 14.91 13.66 -30.00
C LEU A 74 15.70 13.99 -28.74
N TYR A 75 16.90 14.58 -28.89
CA TYR A 75 17.66 15.04 -27.73
C TYR A 75 16.92 16.16 -27.01
N GLN A 76 16.29 17.06 -27.77
CA GLN A 76 15.43 18.08 -27.17
C GLN A 76 14.31 17.44 -26.37
N LEU A 77 13.66 16.42 -26.94
CA LEU A 77 12.61 15.71 -26.21
C LEU A 77 13.18 15.06 -24.96
N LYS A 78 14.35 14.44 -25.07
CA LYS A 78 15.00 13.82 -23.91
C LYS A 78 15.24 14.84 -22.80
N SER A 79 15.77 16.01 -23.16
CA SER A 79 15.92 17.10 -22.18
C SER A 79 14.58 17.48 -21.57
N ASP A 80 13.54 17.56 -22.40
CA ASP A 80 12.23 17.96 -21.89
C ASP A 80 11.71 16.98 -20.86
N LEU A 81 12.13 15.71 -20.92
CA LEU A 81 11.63 14.73 -19.97
C LEU A 81 12.03 15.09 -18.55
N THR A 82 13.25 15.57 -18.34
CA THR A 82 13.67 15.95 -17.00
C THR A 82 12.88 17.14 -16.50
N LYS A 83 12.70 18.16 -17.34
CA LYS A 83 11.87 19.30 -16.96
C LYS A 83 10.45 18.87 -16.66
N GLU A 84 9.93 17.89 -17.40
CA GLU A 84 8.57 17.41 -17.17
C GLU A 84 8.44 16.69 -15.84
N VAL A 85 9.49 15.99 -15.40
CA VAL A 85 9.44 15.36 -14.08
C VAL A 85 9.26 16.41 -12.99
N ILE A 86 10.03 17.50 -13.08
CA ILE A 86 9.90 18.59 -12.12
C ILE A 86 8.48 19.15 -12.13
N GLU A 87 7.89 19.28 -13.33
CA GLU A 87 6.56 19.87 -13.40
C GLU A 87 5.49 18.95 -12.80
N ILE A 88 5.61 17.64 -13.04
CA ILE A 88 4.70 16.70 -12.38
C ILE A 88 4.87 16.78 -10.87
N LYS A 89 6.12 16.84 -10.41
CA LYS A 89 6.43 16.87 -8.99
C LYS A 89 5.80 18.07 -8.30
N ASP A 90 5.59 19.17 -9.02
CA ASP A 90 5.13 20.41 -8.42
C ASP A 90 3.74 20.85 -8.84
N THR A 91 3.00 20.01 -9.59
CA THR A 91 1.62 20.36 -9.94
C THR A 91 0.60 19.26 -9.66
N ASN A 92 1.01 18.04 -9.32
CA ASN A 92 0.09 16.94 -9.04
C ASN A 92 -0.02 16.72 -7.53
N LEU A 93 -0.30 17.80 -6.82
CA LEU A 93 -0.19 17.81 -5.36
C LEU A 93 -1.36 17.12 -4.70
N LYS A 94 -1.06 16.40 -3.62
CA LYS A 94 -2.03 15.78 -2.75
C LYS A 94 -1.77 16.24 -1.33
N PRO A 95 -2.79 16.25 -0.47
CA PRO A 95 -2.61 16.73 0.90
C PRO A 95 -1.62 15.87 1.66
N LEU A 96 -0.71 16.53 2.38
CA LEU A 96 0.26 15.84 3.23
C LEU A 96 -0.38 15.34 4.51
N GLU A 97 -0.04 14.12 4.89
CA GLU A 97 -0.51 13.56 6.15
C GLU A 97 0.00 14.41 7.31
N LYS A 98 -0.91 14.74 8.23
CA LYS A 98 -0.61 15.72 9.27
C LYS A 98 0.08 15.04 10.45
N ASN A 99 1.32 14.60 10.19
CA ASN A 99 2.18 14.02 11.20
C ASN A 99 3.47 14.81 11.30
N ILE A 100 3.91 15.05 12.53
CA ILE A 100 5.24 15.60 12.82
C ILE A 100 6.04 14.50 13.50
N HIS A 101 7.17 14.13 12.90
CA HIS A 101 8.00 13.04 13.41
C HIS A 101 9.30 13.58 13.97
N PHE A 102 9.61 13.22 15.22
CA PHE A 102 10.93 13.36 15.80
C PHE A 102 11.48 11.98 16.12
N VAL A 103 12.81 11.86 16.10
CA VAL A 103 13.47 10.58 16.37
C VAL A 103 14.57 10.83 17.39
N TRP A 104 14.56 10.06 18.48
CA TRP A 104 15.63 10.10 19.47
C TRP A 104 15.87 8.67 19.94
N VAL A 105 16.96 8.07 19.49
CA VAL A 105 17.30 6.71 19.83
C VAL A 105 18.64 6.68 20.57
N GLY A 106 18.79 5.69 21.45
CA GLY A 106 20.07 5.42 22.07
C GLY A 106 20.20 5.89 23.51
N GLY A 107 19.24 6.64 24.03
CA GLY A 107 19.34 7.11 25.39
C GLY A 107 18.23 8.08 25.71
N MET A 108 18.38 8.74 26.87
CA MET A 108 17.41 9.70 27.35
C MET A 108 17.40 10.96 26.48
N ILE A 109 16.20 11.46 26.18
CA ILE A 109 16.05 12.71 25.44
C ILE A 109 16.22 13.88 26.39
N ASN A 110 16.87 14.94 25.91
CA ASN A 110 17.14 16.10 26.72
C ASN A 110 15.87 16.89 26.98
N ASN A 111 15.82 17.57 28.14
CA ASN A 111 14.62 18.33 28.49
C ASN A 111 14.45 19.56 27.61
N ILE A 112 15.55 20.17 27.16
CA ILE A 112 15.45 21.30 26.24
C ILE A 112 14.85 20.84 24.92
N SER A 113 15.18 19.62 24.49
CA SER A 113 14.59 19.09 23.26
C SER A 113 13.09 18.95 23.40
N ILE A 114 12.63 18.54 24.57
CA ILE A 114 11.18 18.51 24.84
C ILE A 114 10.59 19.90 24.69
N ASP A 115 11.31 20.92 25.17
CA ASP A 115 10.83 22.29 25.07
C ASP A 115 10.70 22.71 23.60
N TYR A 116 11.72 22.40 22.80
CA TYR A 116 11.64 22.69 21.37
C TYR A 116 10.48 21.95 20.74
N ILE A 117 10.35 20.65 21.03
CA ILE A 117 9.28 19.84 20.46
C ILE A 117 7.92 20.43 20.82
N ASN A 118 7.80 20.93 22.05
CA ASN A 118 6.51 21.45 22.49
C ASN A 118 6.11 22.72 21.74
N GLN A 119 7.09 23.48 21.23
CA GLN A 119 6.74 24.63 20.40
C GLN A 119 6.03 24.17 19.14
N TRP A 120 6.50 23.08 18.54
CA TRP A 120 5.84 22.53 17.35
C TRP A 120 4.45 22.01 17.69
N LYS A 121 4.29 21.36 18.85
CA LYS A 121 2.98 20.84 19.25
C LYS A 121 1.97 21.97 19.39
N ASP A 122 2.35 23.05 20.07
CA ASP A 122 1.42 24.14 20.37
C ASP A 122 0.92 24.79 19.09
N ILE A 123 1.82 25.00 18.14
CA ILE A 123 1.48 25.77 16.95
C ILE A 123 0.68 24.94 15.96
N ASN A 124 0.81 23.62 15.99
CA ASN A 124 0.19 22.73 15.01
C ASN A 124 -0.69 21.71 15.73
N SER A 125 -1.78 22.19 16.35
CA SER A 125 -2.70 21.29 17.03
C SER A 125 -3.39 20.34 16.07
N ASP A 126 -3.43 20.67 14.77
CA ASP A 126 -4.03 19.80 13.77
C ASP A 126 -3.11 18.65 13.35
N TYR A 127 -1.88 18.63 13.83
CA TYR A 127 -0.92 17.57 13.54
C TYR A 127 -0.75 16.66 14.75
N GLU A 128 -0.54 15.38 14.49
CA GLU A 128 -0.08 14.46 15.53
C GLU A 128 1.44 14.50 15.58
N THR A 129 1.98 14.86 16.75
CA THR A 129 3.41 14.97 16.97
C THR A 129 3.88 13.71 17.70
N ILE A 130 4.86 13.02 17.12
CA ILE A 130 5.34 11.74 17.61
C ILE A 130 6.83 11.85 17.86
N ILE A 131 7.26 11.50 19.08
CA ILE A 131 8.66 11.28 19.38
C ILE A 131 8.92 9.78 19.28
N TRP A 132 9.67 9.38 18.26
CA TRP A 132 10.04 7.98 18.09
C TRP A 132 11.28 7.68 18.89
N TYR A 133 11.26 6.57 19.63
CA TYR A 133 12.42 6.07 20.35
C TYR A 133 12.45 4.56 20.26
N ASP A 134 13.54 3.98 20.75
CA ASP A 134 13.76 2.54 20.72
C ASP A 134 13.89 2.08 22.17
N SER A 135 12.87 1.40 22.67
CA SER A 135 12.86 1.01 24.08
C SER A 135 13.94 0.00 24.42
N GLU A 136 14.48 -0.73 23.44
CA GLU A 136 15.53 -1.70 23.71
C GLU A 136 16.93 -1.11 23.64
N ALA A 137 17.08 0.15 23.21
CA ALA A 137 18.37 0.74 22.95
C ALA A 137 18.72 1.89 23.91
N LEU A 138 17.96 2.04 25.00
CA LEU A 138 18.16 3.18 25.89
C LEU A 138 19.52 3.17 26.58
N LEU A 139 20.26 2.07 26.54
CA LEU A 139 21.58 2.00 27.13
C LEU A 139 22.72 2.07 26.11
N VAL A 140 22.42 2.28 24.83
CA VAL A 140 23.45 2.27 23.80
C VAL A 140 24.47 3.39 24.02
N ASN A 141 24.01 4.62 24.26
CA ASN A 141 24.95 5.72 24.52
C ASN A 141 25.84 5.43 25.74
N ILE A 142 25.28 4.84 26.79
CA ILE A 142 26.09 4.52 27.97
C ILE A 142 27.17 3.52 27.59
N LEU A 143 26.80 2.49 26.82
CA LEU A 143 27.79 1.51 26.39
C LEU A 143 28.87 2.14 25.54
N LYS A 144 28.47 3.00 24.59
CA LYS A 144 29.45 3.65 23.72
C LYS A 144 30.40 4.52 24.54
N LYS A 145 29.86 5.31 25.46
CA LYS A 145 30.70 6.14 26.32
C LYS A 145 31.63 5.28 27.17
N ALA A 146 31.13 4.16 27.69
CA ALA A 146 31.96 3.27 28.49
C ALA A 146 33.09 2.69 27.65
N ILE A 147 32.79 2.33 26.39
CA ILE A 147 33.82 1.79 25.51
C ILE A 147 34.87 2.84 25.21
N ILE A 148 34.43 4.08 24.94
CA ILE A 148 35.38 5.14 24.60
C ILE A 148 36.20 5.53 25.82
N ASP A 149 35.57 5.61 27.00
CA ASP A 149 36.32 6.09 28.17
C ASP A 149 37.36 5.06 28.60
N SER A 150 37.04 3.77 28.48
CA SER A 150 38.01 2.73 28.82
C SER A 150 39.11 2.63 27.78
N SER A 151 38.85 3.07 26.56
CA SER A 151 39.90 3.01 25.55
C SER A 151 40.84 4.21 25.67
N ASN A 152 40.29 5.37 26.04
CA ASN A 152 41.10 6.51 26.44
C ASN A 152 42.04 6.14 27.57
N LYS A 153 41.49 5.57 28.64
CA LYS A 153 42.28 5.22 29.81
C LYS A 153 43.32 4.17 29.49
N GLU A 154 42.94 3.20 28.67
CA GLU A 154 43.86 2.13 28.32
C GLU A 154 45.06 2.64 27.51
N VAL A 155 44.80 3.48 26.51
CA VAL A 155 45.88 3.99 25.68
C VAL A 155 46.76 4.94 26.48
N LEU A 156 46.14 5.86 27.21
CA LEU A 156 46.91 6.84 27.95
C LEU A 156 47.73 6.19 29.06
N THR A 157 47.27 5.08 29.62
CA THR A 157 48.06 4.37 30.63
C THR A 157 49.22 3.63 30.00
N LYS A 158 49.00 3.09 28.80
CA LYS A 158 50.04 2.35 28.06
C LYS A 158 51.18 3.24 27.60
N TYR A 159 50.89 4.49 27.25
CA TYR A 159 51.92 5.40 26.75
C TYR A 159 52.19 6.59 27.66
N GLU A 160 51.97 6.45 28.98
CA GLU A 160 52.11 7.60 29.88
C GLU A 160 53.55 8.11 29.95
N SER A 161 54.54 7.23 29.78
CA SER A 161 55.94 7.62 29.88
C SER A 161 56.49 8.21 28.59
N VAL A 162 55.63 8.52 27.61
CA VAL A 162 56.08 8.87 26.26
C VAL A 162 55.16 9.95 25.69
N LEU A 163 54.16 10.37 26.48
CA LEU A 163 53.24 11.39 26.00
C LEU A 163 53.95 12.70 25.69
N ASN A 164 55.00 13.02 26.43
CA ASN A 164 55.82 14.19 26.15
C ASN A 164 57.13 13.83 25.48
N ASP A 165 57.29 12.57 25.05
CA ASP A 165 58.39 12.21 24.17
C ASP A 165 58.11 12.73 22.76
N ASN A 166 59.18 12.78 21.96
CA ASN A 166 59.10 13.45 20.66
C ASN A 166 58.11 12.76 19.72
N SER A 167 58.17 11.43 19.64
CA SER A 167 57.42 10.72 18.60
C SER A 167 55.91 10.80 18.83
N PHE A 168 55.47 10.69 20.08
CA PHE A 168 54.05 10.55 20.39
C PHE A 168 53.32 11.89 20.22
N ASP A 169 52.20 11.86 19.48
CA ASP A 169 51.36 13.03 19.27
C ASP A 169 49.89 12.62 19.30
N SER A 170 49.01 13.59 19.05
CA SER A 170 47.58 13.33 19.13
C SER A 170 47.11 12.35 18.06
N ASN A 171 47.73 12.39 16.88
CA ASN A 171 47.33 11.48 15.82
C ASN A 171 47.74 10.05 16.15
N LYS A 172 48.88 9.87 16.80
CA LYS A 172 49.24 8.53 17.28
C LYS A 172 48.25 8.04 18.33
N PHE A 173 47.80 8.95 19.23
CA PHE A 173 46.83 8.57 20.24
C PHE A 173 45.57 8.02 19.60
N TYR A 174 45.02 8.73 18.61
CA TYR A 174 43.76 8.29 18.01
C TYR A 174 43.92 7.03 17.18
N ARG A 175 45.10 6.82 16.58
CA ARG A 175 45.35 5.56 15.88
C ARG A 175 45.42 4.40 16.86
N GLU A 176 46.17 4.56 17.95
CA GLU A 176 46.26 3.50 18.94
C GLU A 176 44.91 3.28 19.61
N ARG A 177 44.15 4.36 19.84
CA ARG A 177 42.85 4.22 20.48
C ARG A 177 41.86 3.51 19.59
N MET A 178 41.92 3.75 18.27
CA MET A 178 41.00 3.11 17.36
C MET A 178 41.16 1.59 17.39
N GLU A 179 42.40 1.11 17.49
CA GLU A 179 42.62 -0.33 17.64
C GLU A 179 41.89 -0.87 18.86
N VAL A 180 41.96 -0.18 19.99
CA VAL A 180 41.29 -0.63 21.21
C VAL A 180 39.78 -0.58 21.05
N ILE A 181 39.26 0.52 20.48
CA ILE A 181 37.82 0.65 20.29
C ILE A 181 37.29 -0.46 19.39
N PHE A 182 37.98 -0.73 18.27
CA PHE A 182 37.57 -1.81 17.36
C PHE A 182 37.54 -3.14 18.10
N ARG A 183 38.56 -3.41 18.91
CA ARG A 183 38.59 -4.64 19.70
C ARG A 183 37.40 -4.69 20.66
N LYS A 184 37.10 -3.59 21.32
CA LYS A 184 36.01 -3.59 22.29
C LYS A 184 34.63 -3.68 21.63
N GLN A 185 34.47 -3.09 20.44
CA GLN A 185 33.23 -3.27 19.67
C GLN A 185 33.05 -4.73 19.34
N LYS A 186 34.17 -5.40 19.04
CA LYS A 186 34.24 -6.82 18.70
C LYS A 186 33.92 -7.68 19.91
N GLU A 187 34.42 -7.27 21.07
CA GLU A 187 34.11 -7.96 22.33
C GLU A 187 32.61 -7.93 22.63
N PHE A 188 31.96 -6.78 22.45
CA PHE A 188 30.53 -6.72 22.80
C PHE A 188 29.69 -7.60 21.89
N ASN A 189 29.95 -7.56 20.58
CA ASN A 189 29.13 -8.33 19.67
C ASN A 189 29.36 -9.83 19.84
N ASN A 190 30.56 -10.23 20.25
CA ASN A 190 30.76 -11.61 20.64
C ASN A 190 29.89 -12.00 21.83
N TYR A 191 29.80 -11.11 22.83
CA TYR A 191 28.89 -11.35 23.94
C TYR A 191 27.44 -11.30 23.49
N TYR A 192 27.12 -10.40 22.55
CA TYR A 192 25.77 -10.27 22.05
C TYR A 192 25.29 -11.56 21.40
N ASN A 193 26.19 -12.31 20.80
CA ASN A 193 25.87 -13.57 20.13
C ASN A 193 26.28 -14.80 20.93
N THR A 194 26.62 -14.66 22.21
CA THR A 194 27.06 -15.78 23.02
C THR A 194 25.84 -16.43 23.65
N ASN A 195 25.83 -17.77 23.66
CA ASN A 195 24.68 -18.56 24.07
C ASN A 195 23.43 -18.11 23.32
N ASP A 196 22.43 -17.64 24.05
CA ASP A 196 21.17 -17.20 23.48
C ASP A 196 20.94 -15.71 23.64
N ASN A 197 22.00 -14.94 23.90
CA ASN A 197 21.83 -13.51 24.16
C ASN A 197 21.22 -12.79 22.95
N TYR A 198 21.43 -13.32 21.74
CA TYR A 198 20.90 -12.67 20.54
C TYR A 198 19.39 -12.76 20.44
N THR A 199 18.76 -13.68 21.18
CA THR A 199 17.31 -13.77 21.25
C THR A 199 16.72 -13.22 22.54
N LYS A 200 17.54 -12.94 23.56
CA LYS A 200 17.09 -12.19 24.71
C LYS A 200 16.86 -10.72 24.37
N SER A 201 16.27 -10.00 25.33
CA SER A 201 16.06 -8.57 25.16
C SER A 201 17.40 -7.85 25.09
N LEU A 202 17.56 -6.99 24.07
CA LEU A 202 18.82 -6.30 23.86
C LEU A 202 19.17 -5.44 25.07
N ASN A 203 18.16 -4.79 25.66
CA ASN A 203 18.41 -3.93 26.81
C ASN A 203 18.94 -4.73 27.99
N ASP A 204 18.37 -5.91 28.24
CA ASP A 204 18.87 -6.76 29.31
C ASP A 204 20.29 -7.22 29.03
N VAL A 205 20.60 -7.54 27.77
CA VAL A 205 21.93 -8.00 27.41
C VAL A 205 22.96 -6.89 27.66
N ILE A 206 22.65 -5.67 27.25
CA ILE A 206 23.57 -4.56 27.44
C ILE A 206 23.75 -4.25 28.92
N LYS A 207 22.66 -4.27 29.68
CA LYS A 207 22.74 -3.99 31.11
C LYS A 207 23.69 -4.97 31.80
N VAL A 208 23.54 -6.28 31.52
CA VAL A 208 24.39 -7.28 32.14
C VAL A 208 25.83 -7.12 31.70
N TYR A 209 26.05 -6.84 30.41
CA TYR A 209 27.40 -6.63 29.92
C TYR A 209 28.07 -5.43 30.60
N LEU A 210 27.31 -4.35 30.81
CA LEU A 210 27.89 -3.16 31.45
C LEU A 210 28.23 -3.44 32.91
N ILE A 211 27.39 -4.22 33.60
CA ILE A 211 27.71 -4.62 34.96
C ILE A 211 28.93 -5.53 34.96
N GLU A 212 29.00 -6.47 34.00
CA GLU A 212 30.02 -7.51 34.04
C GLU A 212 31.41 -6.97 33.70
N LYS A 213 31.51 -6.12 32.70
CA LYS A 213 32.80 -5.73 32.16
C LYS A 213 33.12 -4.25 32.29
N TYR A 214 32.17 -3.40 32.70
CA TYR A 214 32.44 -1.97 32.81
C TYR A 214 31.98 -1.38 34.14
N LEU A 215 31.90 -2.22 35.19
CA LEU A 215 31.71 -1.77 36.58
C LEU A 215 30.52 -0.81 36.73
N LYS A 216 29.41 -1.17 36.12
CA LYS A 216 28.14 -0.48 36.34
C LYS A 216 27.30 -1.27 37.36
N THR A 217 26.41 -0.57 38.04
CA THR A 217 25.48 -1.21 38.98
C THR A 217 24.11 -1.37 38.33
N ASP A 218 23.44 -2.48 38.65
CA ASP A 218 22.10 -2.71 38.14
C ASP A 218 21.13 -1.61 38.56
N GLU A 219 21.30 -1.09 39.79
CA GLU A 219 20.48 0.01 40.30
C GLU A 219 20.62 1.30 39.52
N GLU A 220 21.83 1.63 39.12
CA GLU A 220 21.97 2.90 38.43
C GLU A 220 21.51 2.80 36.99
N LEU A 221 21.67 1.64 36.35
CA LEU A 221 21.24 1.47 34.98
C LEU A 221 19.73 1.33 34.90
N GLU A 222 19.13 0.57 35.82
CA GLU A 222 17.68 0.44 35.86
C GLU A 222 17.03 1.80 36.08
N LYS A 223 17.66 2.65 36.89
CA LYS A 223 17.15 4.00 37.13
C LYS A 223 17.18 4.83 35.84
N TYR A 224 18.30 4.80 35.12
CA TYR A 224 18.37 5.54 33.87
C TYR A 224 17.30 5.07 32.89
N ILE A 225 17.12 3.76 32.79
CA ILE A 225 16.14 3.22 31.86
C ILE A 225 14.75 3.73 32.20
N ASN A 226 14.33 3.52 33.44
CA ASN A 226 12.96 3.86 33.83
C ASN A 226 12.70 5.36 33.80
N GLU A 227 13.69 6.17 34.19
CA GLU A 227 13.49 7.61 34.14
C GLU A 227 13.38 8.10 32.70
N SER A 228 14.15 7.51 31.78
CA SER A 228 14.01 7.89 30.37
C SER A 228 12.66 7.45 29.82
N LYS A 229 12.24 6.23 30.14
CA LYS A 229 10.94 5.79 29.66
C LYS A 229 9.83 6.68 30.25
N GLU A 230 9.99 7.14 31.49
CA GLU A 230 8.99 8.02 32.09
C GLU A 230 8.85 9.32 31.29
N VAL A 231 9.98 9.92 30.89
CA VAL A 231 9.92 11.15 30.10
C VAL A 231 9.22 10.89 28.77
N PHE A 232 9.59 9.79 28.11
CA PHE A 232 9.01 9.46 26.81
C PHE A 232 7.51 9.26 26.92
N LYS A 233 7.06 8.46 27.90
CA LYS A 233 5.63 8.22 28.03
C LYS A 233 4.88 9.48 28.42
N ALA A 234 5.51 10.38 29.18
CA ALA A 234 4.86 11.63 29.55
C ALA A 234 4.67 12.56 28.36
N ASN A 235 5.38 12.36 27.26
CA ASN A 235 5.25 13.20 26.09
C ASN A 235 4.62 12.46 24.91
N GLY A 236 3.99 11.32 25.17
CA GLY A 236 3.33 10.59 24.10
C GLY A 236 4.26 10.01 23.06
N ALA A 237 5.46 9.61 23.47
CA ALA A 237 6.41 9.01 22.55
C ALA A 237 5.92 7.64 22.07
N LYS A 238 6.50 7.17 20.97
CA LYS A 238 6.14 5.87 20.42
C LYS A 238 7.40 5.02 20.25
N ASP A 239 7.34 3.81 20.77
CA ASP A 239 8.44 2.85 20.63
C ASP A 239 8.41 2.23 19.25
N ILE A 240 9.54 2.30 18.55
CA ILE A 240 9.59 1.72 17.20
C ILE A 240 9.44 0.21 17.26
N ARG A 241 9.81 -0.42 18.38
CA ARG A 241 9.66 -1.86 18.52
C ARG A 241 8.20 -2.30 18.59
N GLU A 242 7.27 -1.37 18.77
CA GLU A 242 5.87 -1.71 18.98
C GLU A 242 4.95 -1.28 17.85
N TYR A 243 5.44 -0.55 16.86
CA TYR A 243 4.57 -0.06 15.78
C TYR A 243 5.01 -0.58 14.42
N ASP A 244 5.67 -1.75 14.39
CA ASP A 244 6.10 -2.40 13.15
C ASP A 244 7.03 -1.55 12.31
N ILE A 245 7.78 -0.65 12.96
CA ILE A 245 8.73 0.20 12.23
C ILE A 245 9.86 -0.64 11.63
N LEU A 246 10.28 -1.69 12.33
CA LEU A 246 11.40 -2.52 11.89
C LEU A 246 10.93 -3.73 11.08
N ASP A 247 9.93 -3.49 10.21
CA ASP A 247 9.33 -4.54 9.39
C ASP A 247 10.33 -5.11 8.40
N ASP A 248 11.02 -4.24 7.70
CA ASP A 248 11.96 -4.59 6.64
C ASP A 248 13.18 -5.27 7.26
N VAL A 249 13.35 -6.57 6.98
CA VAL A 249 14.42 -7.33 7.64
C VAL A 249 15.78 -6.76 7.27
N GLU A 250 15.93 -6.26 6.04
CA GLU A 250 17.18 -5.68 5.59
C GLU A 250 17.47 -4.36 6.30
N LEU A 251 16.47 -3.47 6.36
CA LEU A 251 16.66 -2.19 7.04
C LEU A 251 16.87 -2.37 8.53
N LYS A 252 16.22 -3.36 9.14
CA LYS A 252 16.43 -3.59 10.57
C LYS A 252 17.88 -3.97 10.85
N SER A 253 18.44 -4.86 10.03
CA SER A 253 19.83 -5.25 10.19
C SER A 253 20.75 -4.06 10.01
N ILE A 254 20.43 -3.19 9.05
CA ILE A 254 21.24 -1.99 8.84
C ILE A 254 21.15 -1.05 10.03
N TYR A 255 19.93 -0.87 10.54
CA TYR A 255 19.76 -0.06 11.74
C TYR A 255 20.58 -0.61 12.90
N GLU A 256 20.50 -1.92 13.12
CA GLU A 256 21.19 -2.52 14.26
C GLU A 256 22.69 -2.66 14.04
N GLN A 257 23.17 -2.68 12.79
CA GLN A 257 24.61 -2.66 12.58
C GLN A 257 25.18 -1.29 12.95
N GLU A 258 24.48 -0.21 12.58
CA GLU A 258 24.92 1.11 13.01
C GLU A 258 24.77 1.25 14.53
N LEU A 259 23.67 0.72 15.07
CA LEU A 259 23.38 0.88 16.49
C LEU A 259 24.38 0.12 17.36
N LEU A 260 24.72 -1.11 16.97
CA LEU A 260 25.37 -2.06 17.88
C LEU A 260 26.79 -2.45 17.51
N MET A 261 27.25 -2.22 16.28
CA MET A 261 28.63 -2.53 15.94
C MET A 261 29.49 -1.33 15.65
N ARG A 262 28.92 -0.26 15.13
CA ARG A 262 29.62 1.00 15.00
C ARG A 262 29.27 1.98 16.12
N PHE A 263 28.16 1.75 16.83
CA PHE A 263 27.64 2.68 17.82
C PHE A 263 27.52 4.09 17.24
N ASN A 264 27.08 4.16 15.98
CA ASN A 264 26.90 5.42 15.25
C ASN A 264 25.42 5.76 15.33
N LEU A 265 25.05 6.54 16.35
CA LEU A 265 23.65 6.84 16.58
C LEU A 265 23.11 7.83 15.56
N ALA A 266 23.95 8.75 15.08
CA ALA A 266 23.53 9.63 14.00
C ALA A 266 23.09 8.79 12.79
N SER A 267 23.91 7.81 12.42
CA SER A 267 23.58 6.93 11.31
C SER A 267 22.33 6.11 11.59
N ALA A 268 22.18 5.61 12.82
CA ALA A 268 20.98 4.83 13.15
C ALA A 268 19.72 5.68 12.99
N SER A 269 19.80 6.95 13.37
CA SER A 269 18.68 7.87 13.20
C SER A 269 18.45 8.21 11.73
N ASP A 270 19.52 8.25 10.94
CA ASP A 270 19.36 8.40 9.49
C ASP A 270 18.45 7.31 8.92
N ILE A 271 18.55 6.09 9.46
CA ILE A 271 17.72 5.00 8.97
C ILE A 271 16.28 5.18 9.43
N ILE A 272 16.08 5.39 10.73
CA ILE A 272 14.73 5.36 11.30
C ILE A 272 13.86 6.47 10.72
N ARG A 273 14.40 7.69 10.60
CA ARG A 273 13.59 8.79 10.09
C ARG A 273 13.06 8.49 8.69
N VAL A 274 13.85 7.79 7.88
CA VAL A 274 13.39 7.39 6.54
C VAL A 274 12.27 6.35 6.66
N ILE A 275 12.43 5.38 7.58
CA ILE A 275 11.44 4.33 7.72
C ILE A 275 10.10 4.90 8.19
N VAL A 276 10.12 5.76 9.22
CA VAL A 276 8.86 6.27 9.77
C VAL A 276 8.17 7.20 8.78
N LEU A 277 8.95 8.04 8.07
CA LEU A 277 8.34 8.93 7.08
C LEU A 277 7.74 8.14 5.93
N ASN A 278 8.43 7.08 5.49
CA ASN A 278 7.87 6.26 4.42
C ASN A 278 6.64 5.50 4.88
N LYS A 279 6.60 5.11 6.15
CA LYS A 279 5.48 4.32 6.64
C LYS A 279 4.24 5.18 6.91
N LEU A 280 4.43 6.40 7.42
CA LEU A 280 3.32 7.21 7.89
C LEU A 280 3.14 8.55 7.19
N GLY A 281 4.20 9.09 6.58
CA GLY A 281 4.11 10.39 5.93
C GLY A 281 4.09 11.53 6.94
N GLY A 282 4.24 12.75 6.40
CA GLY A 282 4.26 13.96 7.20
C GLY A 282 5.58 14.70 7.02
N ILE A 283 6.08 15.23 8.13
CA ILE A 283 7.34 15.97 8.15
C ILE A 283 8.20 15.42 9.28
N TYR A 284 9.46 15.12 8.97
CA TYR A 284 10.44 14.75 9.99
C TYR A 284 11.25 15.98 10.36
N LEU A 285 11.59 16.10 11.65
CA LEU A 285 12.37 17.22 12.14
C LEU A 285 13.40 16.75 13.16
N ASP A 286 14.61 17.29 13.06
CA ASP A 286 15.57 17.19 14.16
C ASP A 286 15.04 17.95 15.37
N VAL A 287 15.39 17.46 16.56
CA VAL A 287 14.87 18.04 17.79
C VAL A 287 15.40 19.44 18.07
N ASP A 288 16.38 19.92 17.30
CA ASP A 288 16.92 21.27 17.50
C ASP A 288 16.49 22.24 16.40
N VAL A 289 15.42 21.92 15.67
CA VAL A 289 14.85 22.83 14.68
C VAL A 289 13.57 23.40 15.27
N LEU A 290 13.45 24.73 15.23
CA LEU A 290 12.25 25.41 15.71
C LEU A 290 11.40 25.86 14.54
N PRO A 291 10.13 26.23 14.78
CA PRO A 291 9.29 26.74 13.70
C PRO A 291 9.87 28.01 13.09
N GLY A 292 9.49 28.28 11.84
CA GLY A 292 9.94 29.49 11.17
C GLY A 292 9.32 30.74 11.75
N ILE A 293 10.08 31.84 11.67
CA ILE A 293 9.63 33.15 12.11
C ILE A 293 8.96 33.84 10.93
N LYS A 294 7.80 34.46 11.17
CA LYS A 294 7.07 35.06 10.07
C LYS A 294 7.88 36.21 9.47
N LYS A 295 7.77 36.34 8.14
CA LYS A 295 8.63 37.23 7.37
C LYS A 295 8.50 38.70 7.77
N HIS A 296 7.32 39.13 8.17
CA HIS A 296 7.05 40.55 8.32
C HIS A 296 7.38 41.10 9.71
N ILE A 297 7.74 40.22 10.67
CA ILE A 297 7.96 40.69 12.04
C ILE A 297 9.12 41.68 12.10
N PHE A 298 10.26 41.31 11.51
CA PHE A 298 11.47 42.10 11.61
C PHE A 298 11.88 42.77 10.31
N LYS A 299 10.96 42.86 9.34
CA LYS A 299 11.34 43.29 7.99
C LYS A 299 11.85 44.73 7.98
N ASP A 300 11.32 45.59 8.85
CA ASP A 300 11.66 47.01 8.85
C ASP A 300 12.93 47.33 9.64
N ILE A 301 13.56 46.35 10.26
CA ILE A 301 14.80 46.55 10.99
C ILE A 301 15.97 46.21 10.08
N ASN A 302 16.95 47.11 10.00
CA ASN A 302 18.09 46.89 9.11
C ASN A 302 19.08 45.94 9.75
N LYS A 303 19.40 44.86 9.05
CA LYS A 303 20.41 43.95 9.56
C LYS A 303 21.75 44.68 9.50
N PRO A 304 22.53 44.68 10.58
CA PRO A 304 23.84 45.33 10.52
C PRO A 304 24.71 44.67 9.46
N THR A 305 25.53 45.48 8.80
CA THR A 305 26.20 45.05 7.57
C THR A 305 27.12 43.86 7.82
N ASN A 306 27.85 43.86 8.94
CA ASN A 306 28.76 42.76 9.25
C ASN A 306 28.05 41.47 9.64
N ILE A 307 26.81 41.54 10.14
CA ILE A 307 26.16 40.37 10.73
C ILE A 307 25.59 39.48 9.63
N SER A 308 26.00 38.21 9.63
CA SER A 308 25.48 37.18 8.74
C SER A 308 23.96 37.02 8.91
N GLU A 309 23.34 36.43 7.88
CA GLU A 309 21.91 36.15 7.93
C GLU A 309 21.58 35.07 8.95
N ASN A 310 22.47 34.10 9.14
CA ASN A 310 22.25 33.09 10.18
C ASN A 310 22.36 33.68 11.57
N LYS A 311 23.29 34.62 11.79
CA LYS A 311 23.38 35.28 13.07
C LYS A 311 22.21 36.24 13.29
N TRP A 312 21.70 36.83 12.21
CA TRP A 312 20.49 37.65 12.30
C TRP A 312 19.30 36.83 12.77
N GLN A 313 19.16 35.60 12.26
CA GLN A 313 18.08 34.74 12.73
C GLN A 313 18.25 34.35 14.19
N MET A 314 19.50 34.12 14.62
CA MET A 314 19.76 33.81 16.03
C MET A 314 19.27 34.95 16.91
N ILE A 315 19.54 36.19 16.49
CA ILE A 315 19.16 37.37 17.25
C ILE A 315 17.64 37.47 17.31
N GLN A 316 16.96 37.12 16.21
CA GLN A 316 15.51 37.15 16.20
C GLN A 316 14.91 36.13 17.16
N LEU A 317 15.44 34.90 17.16
CA LEU A 317 14.97 33.90 18.09
C LEU A 317 15.24 34.32 19.53
N GLU A 318 16.43 34.89 19.79
CA GLU A 318 16.76 35.33 21.13
C GLU A 318 15.85 36.46 21.57
N THR A 319 15.51 37.37 20.65
CA THR A 319 14.58 38.45 20.96
C THR A 319 13.21 37.91 21.35
N ILE A 320 12.71 36.95 20.57
CA ILE A 320 11.39 36.38 20.83
C ILE A 320 11.38 35.70 22.20
N MET A 321 12.38 34.88 22.48
CA MET A 321 12.40 34.13 23.72
C MET A 321 12.61 35.01 24.93
N LYS A 322 13.36 36.11 24.76
CA LYS A 322 13.63 37.00 25.89
C LYS A 322 12.35 37.72 26.33
N TYR A 323 11.49 38.11 25.39
CA TYR A 323 10.32 38.91 25.71
C TYR A 323 9.00 38.14 25.65
N LYS A 324 9.00 36.91 25.12
CA LYS A 324 7.80 36.07 25.18
C LYS A 324 7.98 34.85 26.07
N GLN A 325 9.20 34.39 26.30
CA GLN A 325 9.51 33.29 27.22
C GLN A 325 8.83 31.98 26.81
N TYR A 326 8.65 31.77 25.51
CA TYR A 326 8.10 30.50 25.03
C TYR A 326 8.96 29.32 25.46
N ILE A 327 10.27 29.47 25.38
CA ILE A 327 11.23 28.51 25.91
C ILE A 327 12.00 29.23 27.00
N LYS A 328 11.82 28.80 28.24
CA LYS A 328 12.58 29.38 29.34
C LYS A 328 14.03 28.90 29.31
N GLY A 329 14.93 29.77 29.69
CA GLY A 329 16.34 29.43 29.70
C GLY A 329 17.04 29.59 28.38
N TYR A 330 16.35 30.10 27.36
CA TYR A 330 16.99 30.36 26.07
C TYR A 330 18.06 31.43 26.21
N THR A 331 19.16 31.26 25.50
CA THR A 331 20.25 32.21 25.62
C THR A 331 19.83 33.59 25.11
N GLU A 332 20.52 34.61 25.62
CA GLU A 332 20.34 35.97 25.12
C GLU A 332 21.69 36.63 24.87
N ASN A 333 22.75 35.83 24.76
CA ASN A 333 24.10 36.38 24.69
C ASN A 333 24.29 37.26 23.44
N SER A 334 23.73 36.84 22.30
CA SER A 334 23.84 37.67 21.10
C SER A 334 23.05 38.96 21.25
N PHE A 335 21.87 38.88 21.87
CA PHE A 335 21.03 40.07 22.00
C PHE A 335 21.70 41.09 22.92
N LYS A 336 22.35 40.61 23.99
CA LYS A 336 22.92 41.50 25.00
C LYS A 336 24.04 42.37 24.44
N ASN A 337 24.80 41.86 23.47
CA ASN A 337 25.92 42.59 22.92
C ASN A 337 25.53 43.57 21.81
N LEU A 338 24.24 43.69 21.50
CA LEU A 338 23.82 44.63 20.46
C LEU A 338 23.76 46.05 21.01
N PRO A 339 23.88 47.05 20.14
CA PRO A 339 23.62 48.43 20.55
C PRO A 339 22.20 48.57 21.07
N SER A 340 22.05 49.43 22.07
CA SER A 340 20.77 49.50 22.79
C SER A 340 19.62 49.93 21.90
N ASP A 341 19.88 50.78 20.90
CA ASP A 341 18.78 51.22 20.05
C ASP A 341 18.32 50.11 19.12
N LEU A 342 19.22 49.20 18.75
CA LEU A 342 18.80 48.03 17.97
C LEU A 342 18.07 47.03 18.84
N GLN A 343 18.52 46.85 20.09
CA GLN A 343 17.78 46.02 21.03
C GLN A 343 16.35 46.53 21.19
N GLU A 344 16.20 47.86 21.28
CA GLU A 344 14.88 48.44 21.52
C GLU A 344 13.98 48.29 20.31
N MET A 345 14.54 48.32 19.09
CA MET A 345 13.72 48.11 17.91
C MET A 345 13.29 46.64 17.81
N LEU A 346 14.21 45.71 18.08
CA LEU A 346 13.86 44.30 18.06
C LEU A 346 12.81 43.97 19.11
N GLN A 347 12.96 44.55 20.31
CA GLN A 347 11.99 44.30 21.37
C GLN A 347 10.60 44.77 20.98
N GLU A 348 10.50 45.97 20.41
CA GLU A 348 9.19 46.51 20.03
C GLU A 348 8.45 45.61 19.05
N LYS A 349 9.15 45.10 18.05
CA LYS A 349 8.50 44.26 17.06
C LYS A 349 7.94 42.97 17.65
N VAL A 350 8.50 42.51 18.76
CA VAL A 350 8.02 41.30 19.42
C VAL A 350 6.86 41.61 20.37
N VAL A 351 6.98 42.70 21.13
CA VAL A 351 5.97 43.04 22.14
C VAL A 351 4.64 43.43 21.50
N GLU A 352 4.66 43.99 20.29
CA GLU A 352 3.42 44.34 19.59
C GLU A 352 2.63 43.10 19.15
N LYS A 353 3.27 41.94 19.04
CA LYS A 353 2.58 40.71 18.66
C LYS A 353 1.91 40.08 19.87
N ASN A 354 0.74 39.49 19.66
CA ASN A 354 -0.06 38.96 20.78
C ASN A 354 0.01 37.44 20.90
N LEU A 355 -0.15 36.72 19.79
CA LEU A 355 -0.20 35.27 19.80
C LEU A 355 1.11 34.65 19.35
N LYS A 356 1.49 33.53 19.98
CA LYS A 356 2.63 32.77 19.51
C LYS A 356 2.49 32.40 18.03
N SER A 357 1.24 32.18 17.57
CA SER A 357 0.96 31.90 16.17
C SER A 357 1.02 33.16 15.30
N ASP A 358 1.10 34.34 15.90
CA ASP A 358 1.36 35.56 15.14
C ASP A 358 2.85 35.75 14.86
N ILE A 359 3.71 35.09 15.61
CA ILE A 359 5.16 35.21 15.47
C ILE A 359 5.74 34.05 14.65
N PHE A 360 5.36 32.83 15.00
CA PHE A 360 5.82 31.62 14.33
C PHE A 360 4.80 31.16 13.29
N GLN A 361 5.31 30.57 12.21
CA GLN A 361 4.50 30.11 11.09
C GLN A 361 4.06 28.66 11.32
N ARG A 362 2.75 28.44 11.32
CA ARG A 362 2.26 27.08 11.45
C ARG A 362 2.39 26.32 10.13
N LEU A 363 2.39 24.99 10.22
CA LEU A 363 2.53 24.17 9.03
C LEU A 363 1.30 24.28 8.14
N GLY A 364 0.11 24.38 8.75
CA GLY A 364 -1.12 24.47 8.00
C GLY A 364 -1.32 23.25 7.11
N ASP A 365 -2.11 23.45 6.05
CA ASP A 365 -2.37 22.41 5.07
C ASP A 365 -1.27 22.45 4.02
N ILE A 366 -0.54 21.35 3.91
CA ILE A 366 0.58 21.24 2.97
C ILE A 366 0.18 20.25 1.89
N PHE A 367 0.41 20.63 0.64
CA PHE A 367 0.13 19.79 -0.51
C PHE A 367 1.44 19.43 -1.19
N ILE A 368 1.58 18.15 -1.56
CA ILE A 368 2.81 17.63 -2.12
C ILE A 368 2.47 16.43 -2.99
N SER A 369 3.31 16.21 -4.00
CA SER A 369 3.15 15.09 -4.92
C SER A 369 3.64 13.79 -4.29
N GLU A 370 3.07 12.68 -4.76
CA GLU A 370 3.55 11.36 -4.35
C GLU A 370 4.95 11.05 -4.87
N LEU A 371 5.42 11.81 -5.87
CA LEU A 371 6.78 11.63 -6.37
C LEU A 371 7.83 12.23 -5.44
N ASP A 372 7.44 13.24 -4.69
CA ASP A 372 8.38 14.18 -4.08
C ASP A 372 8.91 13.70 -2.74
N THR A 373 10.06 14.24 -2.36
CA THR A 373 10.53 14.26 -0.98
C THR A 373 11.36 15.51 -0.82
N LYS A 374 10.91 16.42 0.03
CA LYS A 374 11.62 17.67 0.23
C LYS A 374 12.64 17.54 1.35
N ILE A 375 13.69 18.35 1.26
CA ILE A 375 14.80 18.29 2.18
C ILE A 375 15.25 19.72 2.48
N ALA A 376 15.72 19.94 3.70
CA ALA A 376 16.17 21.27 4.09
C ALA A 376 17.52 21.60 3.45
N PHE A 377 17.77 22.90 3.28
CA PHE A 377 19.08 23.41 2.91
C PHE A 377 19.67 24.17 4.08
N MET A 378 20.98 24.01 4.27
CA MET A 378 21.72 24.77 5.28
C MET A 378 23.06 25.18 4.69
N PHE A 379 23.28 26.49 4.57
CA PHE A 379 24.47 27.04 3.94
C PHE A 379 24.55 26.61 2.48
N GLY A 380 23.40 26.57 1.82
CA GLY A 380 23.34 26.20 0.42
C GLY A 380 23.52 24.72 0.14
N LYS A 381 23.55 23.87 1.17
CA LYS A 381 23.74 22.44 1.02
C LYS A 381 22.56 21.69 1.60
N ILE A 382 22.20 20.57 0.96
CA ILE A 382 21.07 19.78 1.43
C ILE A 382 21.45 19.09 2.74
N ALA A 383 20.52 19.11 3.69
CA ALA A 383 20.73 18.48 5.00
C ALA A 383 19.46 17.75 5.41
N ASN A 384 19.60 16.50 5.85
CA ASN A 384 18.41 15.73 6.16
C ASN A 384 17.85 16.01 7.56
N GLN A 385 18.17 17.18 8.14
CA GLN A 385 17.58 17.57 9.41
C GLN A 385 16.08 17.82 9.30
N VAL A 386 15.58 18.15 8.11
CA VAL A 386 14.14 18.26 7.84
C VAL A 386 13.82 17.52 6.54
N LEU A 387 12.79 16.67 6.58
CA LEU A 387 12.27 15.99 5.40
C LEU A 387 10.75 16.08 5.39
N ILE A 388 10.17 16.21 4.20
CA ILE A 388 8.72 16.25 4.01
C ILE A 388 8.36 15.28 2.89
N SER A 389 7.41 14.38 3.16
CA SER A 389 7.00 13.45 2.13
C SER A 389 5.72 12.73 2.55
N LYS A 390 4.93 12.36 1.54
CA LYS A 390 3.81 11.45 1.77
C LYS A 390 4.35 10.05 2.02
N LYS A 391 3.50 9.21 2.60
CA LYS A 391 3.89 7.81 2.79
C LYS A 391 4.08 7.14 1.44
N ASN A 392 5.00 6.17 1.40
CA ASN A 392 5.25 5.36 0.21
C ASN A 392 5.56 6.20 -1.02
N SER A 393 6.13 7.38 -0.83
CA SER A 393 6.47 8.25 -1.93
C SER A 393 7.50 7.58 -2.85
N TYR A 394 7.52 8.01 -4.10
CA TYR A 394 8.46 7.44 -5.06
C TYR A 394 9.89 7.78 -4.67
N SER A 395 10.14 9.00 -4.18
CA SER A 395 11.49 9.41 -3.86
C SER A 395 12.01 8.73 -2.60
N LEU A 396 11.12 8.50 -1.62
CA LEU A 396 11.55 7.75 -0.44
C LEU A 396 11.93 6.32 -0.81
N ASN A 397 11.22 5.74 -1.78
CA ASN A 397 11.60 4.42 -2.26
C ASN A 397 12.97 4.44 -2.91
N LEU A 398 13.26 5.49 -3.68
CA LEU A 398 14.60 5.62 -4.26
C LEU A 398 15.64 5.79 -3.17
N ILE A 399 15.31 6.56 -2.13
CA ILE A 399 16.24 6.77 -1.02
C ILE A 399 16.48 5.47 -0.28
N ILE A 400 15.43 4.67 -0.08
CA ILE A 400 15.59 3.39 0.61
C ILE A 400 16.45 2.44 -0.24
N ASN A 401 16.24 2.44 -1.56
CA ASN A 401 17.08 1.61 -2.42
C ASN A 401 18.53 2.08 -2.43
N GLN A 402 18.77 3.39 -2.26
CA GLN A 402 20.13 3.89 -2.13
C GLN A 402 20.79 3.33 -0.88
N ILE A 403 20.07 3.35 0.24
CA ILE A 403 20.58 2.79 1.49
C ILE A 403 20.92 1.32 1.33
N LYS A 404 19.98 0.54 0.81
CA LYS A 404 20.19 -0.91 0.67
C LYS A 404 21.35 -1.22 -0.26
N ASN A 405 21.45 -0.50 -1.38
CA ASN A 405 22.54 -0.77 -2.32
C ASN A 405 23.88 -0.40 -1.70
N ARG A 406 23.95 0.75 -1.03
CA ARG A 406 25.22 1.20 -0.47
C ARG A 406 25.68 0.26 0.65
N TYR A 407 24.77 -0.16 1.53
CA TYR A 407 25.14 -1.07 2.59
C TYR A 407 25.45 -2.46 2.05
N ASN A 408 24.82 -2.86 0.95
CA ASN A 408 25.17 -4.12 0.31
C ASN A 408 26.64 -4.12 -0.08
N ILE A 409 27.10 -3.04 -0.70
CA ILE A 409 28.49 -2.97 -1.15
C ILE A 409 29.43 -2.91 0.05
N ILE A 410 29.12 -2.04 1.02
CA ILE A 410 29.96 -1.87 2.19
C ILE A 410 30.10 -3.18 2.94
N ASN A 411 28.99 -3.89 3.13
CA ASN A 411 29.04 -5.10 3.96
C ASN A 411 29.74 -6.23 3.23
N LYS A 412 29.70 -6.24 1.90
CA LYS A 412 30.35 -7.31 1.17
C LYS A 412 31.86 -7.17 1.27
N CYS A 413 32.36 -5.94 1.32
CA CYS A 413 33.81 -5.74 1.42
C CYS A 413 34.28 -5.71 2.86
N LEU A 414 33.40 -5.33 3.77
CA LEU A 414 33.73 -5.36 5.19
C LEU A 414 33.86 -6.79 5.69
N SER A 415 32.97 -7.67 5.24
CA SER A 415 33.03 -9.07 5.63
C SER A 415 34.27 -9.75 5.05
N SER A 416 34.55 -9.50 3.76
CA SER A 416 35.81 -9.95 3.18
C SER A 416 36.99 -9.45 4.00
N ALA A 417 37.00 -8.15 4.32
CA ALA A 417 38.13 -7.55 5.02
C ALA A 417 38.31 -8.14 6.42
N ILE A 418 37.19 -8.35 7.13
CA ILE A 418 37.27 -8.92 8.47
C ILE A 418 37.81 -10.34 8.42
N GLU A 419 37.43 -11.10 7.39
CA GLU A 419 37.94 -12.46 7.24
C GLU A 419 39.45 -12.46 7.02
N LYS A 420 39.93 -11.64 6.08
CA LYS A 420 41.35 -11.61 5.74
C LYS A 420 42.18 -10.79 6.72
N GLY A 421 41.56 -9.92 7.51
CA GLY A 421 42.28 -8.98 8.35
C GLY A 421 42.66 -9.55 9.71
N SER A 422 43.86 -9.18 10.16
CA SER A 422 44.37 -9.58 11.47
C SER A 422 44.17 -8.53 12.57
N ASN A 423 44.15 -7.24 12.23
CA ASN A 423 43.92 -6.19 13.23
C ASN A 423 43.08 -5.09 12.57
N PHE A 424 42.90 -3.97 13.27
CA PHE A 424 42.06 -2.90 12.72
C PHE A 424 42.70 -2.27 11.49
N ASN A 425 44.00 -1.97 11.55
CA ASN A 425 44.61 -1.19 10.48
C ASN A 425 44.73 -2.00 9.18
N ASN A 426 45.03 -3.30 9.26
CA ASN A 426 45.05 -4.08 8.03
C ASN A 426 43.64 -4.43 7.55
N THR A 427 42.68 -4.59 8.48
CA THR A 427 41.29 -4.74 8.06
C THR A 427 40.83 -3.54 7.24
N VAL A 428 41.16 -2.32 7.69
CA VAL A 428 40.81 -1.13 6.91
C VAL A 428 41.50 -1.17 5.55
N ASP A 429 42.78 -1.56 5.53
CA ASP A 429 43.51 -1.59 4.27
C ASP A 429 42.90 -2.57 3.30
N ILE A 430 42.55 -3.78 3.77
CA ILE A 430 41.90 -4.76 2.91
C ILE A 430 40.53 -4.26 2.46
N PHE A 431 39.80 -3.61 3.37
CA PHE A 431 38.51 -2.99 3.04
C PHE A 431 38.65 -2.05 1.85
N ILE A 432 39.59 -1.11 1.93
CA ILE A 432 39.82 -0.20 0.82
C ILE A 432 40.27 -0.97 -0.43
N GLN A 433 41.17 -1.94 -0.25
CA GLN A 433 41.60 -2.75 -1.39
C GLN A 433 40.41 -3.40 -2.10
N GLN A 434 39.55 -4.08 -1.34
CA GLN A 434 38.43 -4.76 -1.95
C GLN A 434 37.48 -3.78 -2.62
N LEU A 435 37.27 -2.61 -2.02
CA LEU A 435 36.41 -1.59 -2.62
C LEU A 435 36.94 -1.15 -3.98
N ASN A 436 38.24 -0.92 -4.08
CA ASN A 436 38.83 -0.46 -5.35
C ASN A 436 38.88 -1.57 -6.38
N GLU A 437 39.18 -2.80 -5.97
CA GLU A 437 39.31 -3.89 -6.93
C GLU A 437 37.97 -4.24 -7.58
N PHE A 438 36.88 -4.20 -6.81
CA PHE A 438 35.59 -4.65 -7.33
C PHE A 438 34.65 -3.51 -7.66
N TYR A 439 34.97 -2.27 -7.29
CA TYR A 439 34.17 -1.15 -7.74
C TYR A 439 35.12 -0.15 -8.35
N VAL A 440 35.77 -0.62 -9.42
CA VAL A 440 36.69 0.19 -10.20
C VAL A 440 35.92 1.29 -10.91
N ASN A 441 34.65 1.00 -11.27
CA ASN A 441 33.81 2.01 -11.86
C ASN A 441 33.56 3.18 -10.92
N GLU A 442 33.47 2.91 -9.62
CA GLU A 442 32.99 3.88 -8.64
C GLU A 442 34.11 4.37 -7.73
N GLY A 443 34.98 5.23 -8.26
CA GLY A 443 36.07 5.74 -7.44
C GLY A 443 35.66 6.92 -6.60
N PHE A 444 34.72 7.73 -7.09
CA PHE A 444 34.15 8.80 -6.27
C PHE A 444 33.48 8.22 -5.04
N PHE A 445 32.70 7.13 -5.23
CA PHE A 445 32.01 6.51 -4.11
C PHE A 445 32.98 5.87 -3.11
N VAL A 446 33.99 5.16 -3.62
CA VAL A 446 34.96 4.51 -2.74
C VAL A 446 35.68 5.55 -1.88
N SER A 447 36.03 6.70 -2.47
CA SER A 447 36.70 7.75 -1.71
C SER A 447 35.82 8.27 -0.57
N LYS A 448 34.50 8.30 -0.77
CA LYS A 448 33.59 8.82 0.25
C LYS A 448 33.31 7.84 1.38
N VAL A 449 33.52 6.54 1.18
CA VAL A 449 33.15 5.55 2.19
C VAL A 449 34.36 4.84 2.77
N MET A 450 35.58 5.20 2.35
CA MET A 450 36.81 4.57 2.83
C MET A 450 36.88 4.45 4.34
N GLY A 451 36.52 5.51 5.06
CA GLY A 451 36.73 5.58 6.50
C GLY A 451 35.57 5.10 7.36
N TYR A 452 34.77 4.17 6.82
CA TYR A 452 33.56 3.70 7.51
C TYR A 452 33.85 3.26 8.93
N LEU A 453 34.91 2.46 9.11
CA LEU A 453 35.19 1.86 10.41
C LEU A 453 35.73 2.88 11.41
N GLY A 454 36.25 4.01 10.95
CA GLY A 454 36.75 5.02 11.85
C GLY A 454 35.80 6.16 12.12
N ASP A 455 34.62 6.15 11.50
CA ASP A 455 33.68 7.27 11.59
C ASP A 455 33.22 7.47 13.03
N GLY A 456 33.40 8.69 13.53
CA GLY A 456 33.03 9.04 14.88
C GLY A 456 34.11 8.82 15.92
N TYR A 457 35.19 8.16 15.56
CA TYR A 457 36.28 7.87 16.48
C TYR A 457 37.61 8.46 16.04
N MET A 458 37.82 8.66 14.74
CA MET A 458 39.01 9.20 14.12
C MET A 458 38.75 10.59 13.54
N PRO A 459 39.67 11.54 13.74
CA PRO A 459 39.50 12.86 13.13
C PRO A 459 39.44 12.75 11.60
N ASP A 460 38.66 13.65 11.00
CA ASP A 460 38.55 13.80 9.55
C ASP A 460 38.04 12.55 8.83
N MET A 461 37.10 11.84 9.43
CA MET A 461 36.43 10.75 8.73
C MET A 461 34.92 10.94 8.91
N ARG A 462 34.17 11.14 7.79
CA ARG A 462 32.73 11.12 8.01
C ARG A 462 32.18 10.36 6.80
N ALA A 463 32.37 9.03 6.79
CA ALA A 463 31.82 8.21 5.70
C ALA A 463 30.30 8.14 5.72
N THR A 464 29.70 8.27 6.91
CA THR A 464 28.27 8.16 7.11
C THR A 464 27.48 9.03 6.13
N LEU A 465 28.00 10.21 5.80
CA LEU A 465 27.29 11.16 4.93
C LEU A 465 26.87 10.51 3.61
N ASN A 466 27.72 9.66 3.05
CA ASN A 466 27.43 9.07 1.75
C ASN A 466 26.94 7.63 1.84
N ILE A 467 26.57 7.15 3.03
CA ILE A 467 25.96 5.83 3.19
C ILE A 467 24.52 5.94 3.68
N SER A 468 24.29 6.74 4.72
CA SER A 468 22.95 6.96 5.24
C SER A 468 22.55 8.43 5.24
N GLY A 469 23.49 9.34 5.03
CA GLY A 469 23.21 10.76 5.15
C GLY A 469 22.84 11.43 3.84
N PRO A 470 23.05 12.74 3.79
CA PRO A 470 22.59 13.53 2.62
C PRO A 470 23.12 13.07 1.28
N GLY A 471 24.30 12.43 1.24
CA GLY A 471 24.85 12.00 -0.02
C GLY A 471 23.94 11.05 -0.78
N ILE A 472 23.21 10.20 -0.06
CA ILE A 472 22.28 9.29 -0.73
C ILE A 472 21.06 10.03 -1.27
N TYR A 473 20.73 11.19 -0.70
CA TYR A 473 19.59 11.97 -1.20
C TYR A 473 19.94 12.64 -2.52
N THR A 474 21.16 13.17 -2.62
CA THR A 474 21.64 13.68 -3.90
C THR A 474 21.53 12.61 -4.97
N ALA A 475 21.95 11.39 -4.66
CA ALA A 475 21.91 10.31 -5.64
C ALA A 475 20.47 9.92 -5.98
N ALA A 476 19.58 9.91 -4.98
CA ALA A 476 18.20 9.54 -5.24
C ALA A 476 17.51 10.57 -6.13
N TYR A 477 17.81 11.86 -5.92
CA TYR A 477 17.20 12.88 -6.78
C TYR A 477 17.73 12.79 -8.21
N TYR A 478 19.01 12.44 -8.37
CA TYR A 478 19.54 12.15 -9.70
C TYR A 478 18.85 10.94 -10.30
N ASP A 479 18.60 9.89 -9.50
CA ASP A 479 17.86 8.74 -9.98
C ASP A 479 16.51 9.17 -10.55
N LEU A 480 15.80 10.05 -9.82
CA LEU A 480 14.48 10.49 -10.26
C LEU A 480 14.56 11.37 -11.51
N LEU A 481 15.41 12.40 -11.47
CA LEU A 481 15.40 13.40 -12.55
C LEU A 481 15.91 12.83 -13.87
N TYR A 482 16.84 11.87 -13.84
CA TYR A 482 17.48 11.35 -15.03
C TYR A 482 17.23 9.85 -15.23
N PHE A 483 16.20 9.32 -14.56
CA PHE A 483 15.67 7.99 -14.88
C PHE A 483 16.75 6.91 -14.72
N ASN A 484 17.37 6.87 -13.54
CA ASN A 484 18.35 5.86 -13.20
C ASN A 484 17.95 5.18 -11.91
N GLU A 485 18.66 4.11 -11.56
CA GLU A 485 18.41 3.37 -10.34
C GLU A 485 19.74 3.07 -9.66
N ARG A 486 19.80 3.33 -8.35
CA ARG A 486 20.93 2.96 -7.50
C ARG A 486 22.23 3.58 -7.97
N SER A 487 22.18 4.78 -8.52
CA SER A 487 23.39 5.43 -9.01
C SER A 487 24.29 5.82 -7.85
N LEU A 488 25.61 5.62 -8.04
CA LEU A 488 26.62 5.90 -7.04
C LEU A 488 27.43 7.15 -7.31
N ASN A 489 27.36 7.68 -8.54
CA ASN A 489 28.13 8.87 -8.93
C ASN A 489 27.18 9.84 -9.62
N PRO A 490 26.35 10.54 -8.84
CA PRO A 490 25.34 11.42 -9.45
C PRO A 490 25.97 12.60 -10.16
N GLN A 491 25.32 13.03 -11.23
CA GLN A 491 25.69 14.24 -11.97
C GLN A 491 24.48 15.15 -11.92
N ILE A 492 24.33 15.88 -10.82
CA ILE A 492 23.20 16.76 -10.63
C ILE A 492 23.71 18.08 -10.10
N LEU A 493 23.18 19.17 -10.63
CA LEU A 493 23.67 20.51 -10.32
C LEU A 493 22.91 21.09 -9.14
N GLN A 494 23.35 22.29 -8.69
CA GLN A 494 22.88 22.83 -7.42
C GLN A 494 21.45 23.32 -7.66
N GLU A 495 21.18 23.62 -8.94
CA GLU A 495 19.86 24.08 -9.44
C GLU A 495 18.80 22.99 -9.41
N ASP A 496 19.17 21.77 -9.82
CA ASP A 496 18.19 20.70 -9.82
C ASP A 496 17.81 20.32 -8.39
N LEU A 497 18.79 20.35 -7.48
CA LEU A 497 18.52 20.00 -6.10
C LEU A 497 17.54 20.96 -5.43
N LYS A 498 17.52 22.23 -5.86
CA LYS A 498 16.72 23.22 -5.15
C LYS A 498 15.26 23.17 -5.53
N TYR A 499 14.87 22.33 -6.49
CA TYR A 499 13.47 22.00 -6.67
C TYR A 499 12.94 21.09 -5.55
N PHE A 500 13.81 20.59 -4.67
CA PHE A 500 13.43 19.69 -3.60
C PHE A 500 13.51 20.34 -2.22
N GLU A 501 13.69 21.65 -2.16
CA GLU A 501 14.00 22.33 -0.91
C GLU A 501 12.75 22.45 -0.02
N VAL A 502 12.91 22.16 1.26
CA VAL A 502 11.89 22.48 2.25
C VAL A 502 11.80 23.99 2.36
N PRO A 503 10.63 24.59 2.16
CA PRO A 503 10.50 26.05 2.23
C PRO A 503 11.08 26.61 3.52
N GLN A 504 11.96 27.61 3.37
CA GLN A 504 12.61 28.23 4.52
C GLN A 504 11.60 28.88 5.46
N ALA A 505 10.44 29.27 4.94
CA ALA A 505 9.41 29.91 5.76
C ALA A 505 8.92 29.00 6.88
N LEU A 506 9.16 27.68 6.75
CA LEU A 506 8.62 26.71 7.69
C LEU A 506 9.53 26.40 8.87
N ILE A 507 10.80 26.79 8.82
CA ILE A 507 11.76 26.34 9.83
C ILE A 507 12.70 27.46 10.24
N SER A 508 13.10 27.42 11.51
CA SER A 508 14.20 28.23 12.05
C SER A 508 15.29 27.25 12.44
N GLN A 509 16.39 27.26 11.70
CA GLN A 509 17.48 26.31 11.92
C GLN A 509 18.56 26.83 12.86
N GLN A 510 18.71 28.14 13.00
CA GLN A 510 19.80 28.72 13.79
C GLN A 510 19.39 28.87 15.27
N THR A 511 19.07 27.73 15.89
CA THR A 511 18.65 27.71 17.28
C THR A 511 19.84 27.48 18.20
N GLU A 512 19.63 27.75 19.49
CA GLU A 512 20.72 27.62 20.45
C GLU A 512 21.24 26.18 20.52
N GLN A 513 20.32 25.21 20.56
CA GLN A 513 20.75 23.81 20.61
C GLN A 513 21.39 23.35 19.31
N GLU A 514 20.90 23.82 18.16
CA GLU A 514 21.56 23.53 16.89
C GLU A 514 23.03 23.97 16.90
N ILE A 515 23.28 25.22 17.32
CA ILE A 515 24.64 25.75 17.27
C ILE A 515 25.54 24.98 18.24
N ASN A 516 25.02 24.63 19.42
CA ASN A 516 25.82 23.84 20.38
C ASN A 516 26.20 22.48 19.79
N SER A 517 25.23 21.77 19.20
CA SER A 517 25.48 20.44 18.66
C SER A 517 26.30 20.47 17.39
N SER A 518 26.28 21.58 16.65
CA SER A 518 27.06 21.66 15.43
C SER A 518 28.54 21.73 15.76
N TRP A 519 29.30 20.77 15.24
CA TRP A 519 30.71 20.60 15.55
C TRP A 519 31.38 20.05 14.30
N THR A 520 32.71 19.93 14.35
CA THR A 520 33.41 19.18 13.32
C THR A 520 34.65 18.57 13.95
N PHE A 521 34.70 17.24 13.97
CA PHE A 521 35.85 16.49 14.48
C PHE A 521 36.97 16.56 13.46
N ASN A 522 37.61 17.72 13.38
CA ASN A 522 38.75 17.93 12.51
C ASN A 522 40.03 17.86 13.35
N GLN A 523 41.15 18.18 12.71
CA GLN A 523 42.45 17.99 13.35
C GLN A 523 42.61 18.86 14.60
N VAL A 524 42.25 20.13 14.51
CA VAL A 524 42.43 21.04 15.65
C VAL A 524 41.53 20.66 16.83
N LYS A 525 40.26 20.29 16.57
CA LYS A 525 39.43 19.92 17.71
C LYS A 525 39.89 18.61 18.33
N SER A 526 40.39 17.68 17.50
CA SER A 526 40.97 16.45 18.03
C SER A 526 42.17 16.73 18.91
N GLN A 527 42.99 17.71 18.53
CA GLN A 527 44.15 18.04 19.34
C GLN A 527 43.73 18.67 20.67
N ILE A 528 42.67 19.48 20.67
CA ILE A 528 42.15 20.03 21.92
C ILE A 528 41.62 18.91 22.81
N GLU A 529 40.82 18.01 22.23
CA GLU A 529 40.23 16.94 23.02
C GLU A 529 41.31 16.01 23.56
N TYR A 530 42.32 15.71 22.76
CA TYR A 530 43.44 14.88 23.24
C TYR A 530 44.18 15.55 24.38
N LYS A 531 44.38 16.88 24.28
CA LYS A 531 45.10 17.60 25.33
C LYS A 531 44.37 17.49 26.66
N LYS A 532 43.05 17.66 26.65
CA LYS A 532 42.27 17.52 27.88
C LYS A 532 42.27 16.08 28.37
N LEU A 533 42.31 15.11 27.45
CA LEU A 533 42.34 13.71 27.84
C LEU A 533 43.60 13.37 28.62
N VAL A 534 44.74 13.94 28.22
CA VAL A 534 45.99 13.68 28.92
C VAL A 534 45.91 14.17 30.37
N GLU A 535 45.48 15.42 30.56
CA GLU A 535 45.37 15.96 31.91
C GLU A 535 44.36 15.21 32.76
N LYS A 536 43.30 14.67 32.14
CA LYS A 536 42.29 13.94 32.89
C LYS A 536 42.80 12.59 33.38
N TYR A 537 43.57 11.90 32.55
CA TYR A 537 43.88 10.50 32.79
C TYR A 537 45.31 10.25 33.27
N THR A 538 46.18 11.25 33.22
CA THR A 538 47.55 11.11 33.72
C THR A 538 47.87 12.31 34.61
N ASN A 539 49.07 12.31 35.17
CA ASN A 539 49.57 13.45 35.93
C ASN A 539 50.49 14.33 35.10
N LYS A 540 50.74 13.97 33.86
CA LYS A 540 51.52 14.81 32.96
C LYS A 540 50.62 15.88 32.35
N SER A 541 51.25 16.83 31.66
CA SER A 541 50.55 17.86 30.93
C SER A 541 51.32 18.13 29.64
N LEU A 542 50.57 18.32 28.55
CA LEU A 542 51.20 18.39 27.23
C LEU A 542 52.06 19.64 27.11
N SER A 543 53.31 19.43 26.72
CA SER A 543 54.21 20.54 26.44
C SER A 543 53.65 21.40 25.29
N LEU A 544 54.00 22.68 25.31
CA LEU A 544 53.77 23.52 24.15
C LEU A 544 54.97 23.55 23.21
N GLU A 545 56.16 23.27 23.72
CA GLU A 545 57.40 23.40 22.97
C GLU A 545 58.04 22.03 22.75
N HIS A 546 58.67 21.89 21.58
CA HIS A 546 59.34 20.65 21.19
C HIS A 546 60.81 20.73 21.58
N HIS A 547 61.29 19.71 22.30
CA HIS A 547 62.68 19.68 22.75
C HIS A 547 63.57 19.15 21.64
N HIS A 548 64.62 19.90 21.31
CA HIS A 548 65.56 19.51 20.26
C HIS A 548 66.23 18.18 20.55
N MET B 1 -23.48 16.64 8.28
CA MET B 1 -23.34 16.37 9.72
C MET B 1 -22.72 15.00 9.99
N GLY B 2 -22.02 14.90 11.10
CA GLY B 2 -21.42 13.64 11.51
C GLY B 2 -22.00 13.17 12.82
N LEU B 3 -21.16 12.83 13.77
CA LEU B 3 -21.62 12.34 15.06
C LEU B 3 -21.82 13.49 16.04
N MET B 4 -22.59 13.21 17.08
CA MET B 4 -22.75 14.19 18.17
C MET B 4 -21.39 14.47 18.79
N SER B 5 -21.25 15.68 19.32
CA SER B 5 -20.01 16.07 19.98
C SER B 5 -19.81 15.25 21.26
N LYS B 6 -18.56 15.24 21.72
CA LYS B 6 -18.26 14.65 23.02
C LYS B 6 -19.00 15.36 24.14
N GLU B 7 -19.15 16.68 24.02
CA GLU B 7 -19.88 17.45 25.03
C GLU B 7 -21.37 17.13 25.03
N GLN B 8 -21.93 16.84 23.85
CA GLN B 8 -23.36 16.52 23.75
C GLN B 8 -23.67 15.15 24.36
N LEU B 9 -22.77 14.18 24.19
CA LEU B 9 -22.98 12.87 24.79
C LEU B 9 -22.84 12.95 26.31
N ILE B 10 -21.90 13.74 26.81
CA ILE B 10 -21.73 13.90 28.26
C ILE B 10 -23.02 14.41 28.88
N ILE B 11 -23.71 15.33 28.19
CA ILE B 11 -24.97 15.86 28.70
C ILE B 11 -26.08 14.82 28.59
N LEU B 12 -26.07 14.05 27.49
CA LEU B 12 -27.12 13.05 27.29
C LEU B 12 -27.02 11.90 28.29
N ALA B 13 -25.81 11.48 28.61
CA ALA B 13 -25.57 10.32 29.47
C ALA B 13 -25.30 10.71 30.92
N LYS B 14 -25.44 11.99 31.27
CA LYS B 14 -25.11 12.44 32.62
C LYS B 14 -26.00 11.76 33.65
N ASN B 15 -25.37 11.21 34.69
CA ASN B 15 -26.06 10.74 35.88
C ASN B 15 -25.19 11.06 37.09
N SER B 16 -25.58 10.54 38.25
CA SER B 16 -24.85 10.81 39.48
C SER B 16 -23.57 10.00 39.59
N SER B 17 -23.34 9.07 38.69
CA SER B 17 -22.10 8.32 38.73
C SER B 17 -20.98 9.14 38.09
N PRO B 18 -19.77 9.01 38.59
CA PRO B 18 -18.62 9.56 37.86
C PRO B 18 -18.34 8.70 36.63
N LYS B 19 -17.53 9.24 35.74
CA LYS B 19 -17.22 8.57 34.49
C LYS B 19 -16.48 7.28 34.79
N GLU B 20 -16.98 6.16 34.28
CA GLU B 20 -16.25 4.91 34.38
C GLU B 20 -15.11 4.91 33.37
N GLY B 21 -14.13 4.01 33.58
CA GLY B 21 -13.02 3.94 32.65
C GLY B 21 -13.45 3.60 31.24
N GLU B 22 -14.42 2.69 31.11
CA GLU B 22 -14.92 2.33 29.78
C GLU B 22 -15.71 3.47 29.15
N TYR B 23 -16.37 4.29 29.97
CA TYR B 23 -17.11 5.44 29.44
C TYR B 23 -16.16 6.52 28.94
N LYS B 24 -15.08 6.77 29.69
CA LYS B 24 -14.09 7.74 29.25
C LYS B 24 -13.44 7.34 27.93
N LYS B 25 -13.32 6.04 27.68
CA LYS B 25 -12.72 5.60 26.42
C LYS B 25 -13.66 5.86 25.25
N ILE B 26 -14.96 5.64 25.42
CA ILE B 26 -15.91 5.98 24.38
C ILE B 26 -15.82 7.47 24.06
N LEU B 27 -15.70 8.30 25.09
CA LEU B 27 -15.68 9.75 24.89
C LEU B 27 -14.46 10.20 24.09
N GLU B 28 -13.28 9.65 24.39
CA GLU B 28 -12.09 10.03 23.64
C GLU B 28 -12.11 9.50 22.22
N LEU B 29 -12.66 8.29 22.01
CA LEU B 29 -12.78 7.78 20.64
C LEU B 29 -13.78 8.62 19.85
N LEU B 30 -14.89 9.00 20.48
CA LEU B 30 -15.85 9.89 19.83
C LEU B 30 -15.22 11.22 19.47
N ASP B 31 -14.48 11.81 20.42
CA ASP B 31 -13.80 13.07 20.12
C ASP B 31 -12.80 12.89 18.98
N GLU B 32 -12.00 11.82 19.03
CA GLU B 32 -11.00 11.58 18.00
C GLU B 32 -11.64 11.39 16.64
N TYR B 33 -12.77 10.67 16.58
CA TYR B 33 -13.47 10.54 15.31
C TYR B 33 -13.93 11.88 14.79
N ASN B 34 -14.52 12.71 15.68
CA ASN B 34 -15.14 13.96 15.25
C ASN B 34 -14.10 14.95 14.74
N LEU B 35 -12.92 14.97 15.35
CA LEU B 35 -11.83 15.80 14.83
C LEU B 35 -11.34 15.28 13.48
N LEU B 36 -11.24 13.96 13.33
CA LEU B 36 -10.86 13.37 12.06
C LEU B 36 -11.90 13.68 10.98
N ASN B 37 -13.18 13.72 11.37
CA ASN B 37 -14.27 13.95 10.43
C ASN B 37 -14.52 15.41 10.12
N ASN B 38 -13.96 16.34 10.91
CA ASN B 38 -14.22 17.76 10.74
C ASN B 38 -13.07 18.48 10.04
N SER B 39 -12.13 17.72 9.49
CA SER B 39 -11.06 18.30 8.69
C SER B 39 -11.56 18.55 7.27
N VAL B 40 -10.83 19.40 6.55
CA VAL B 40 -11.11 19.54 5.12
C VAL B 40 -10.79 18.22 4.42
N GLU B 41 -9.66 17.62 4.74
CA GLU B 41 -9.21 16.37 4.15
C GLU B 41 -9.55 15.19 5.05
N LYS B 42 -10.06 14.11 4.45
CA LYS B 42 -10.47 12.92 5.21
C LYS B 42 -10.16 11.65 4.43
N ASN B 43 -9.65 10.65 5.13
CA ASN B 43 -9.35 9.34 4.55
C ASN B 43 -10.49 8.37 4.88
N SER B 44 -11.09 7.76 3.84
CA SER B 44 -12.27 6.91 4.03
C SER B 44 -11.97 5.74 4.96
N ILE B 45 -10.84 5.05 4.75
CA ILE B 45 -10.56 3.87 5.55
C ILE B 45 -10.17 4.24 6.97
N ASP B 46 -9.41 5.34 7.13
CA ASP B 46 -9.06 5.80 8.47
C ASP B 46 -10.29 6.15 9.28
N LEU B 47 -11.28 6.79 8.65
CA LEU B 47 -12.52 7.09 9.34
C LEU B 47 -13.27 5.82 9.72
N TYR B 48 -13.27 4.82 8.84
CA TYR B 48 -13.97 3.58 9.17
C TYR B 48 -13.33 2.87 10.33
N LEU B 49 -12.00 2.79 10.36
CA LEU B 49 -11.33 2.09 11.45
C LEU B 49 -11.57 2.79 12.79
N LYS B 50 -11.66 4.12 12.78
CA LYS B 50 -11.97 4.84 14.03
C LYS B 50 -13.40 4.60 14.49
N LEU B 51 -14.36 4.60 13.56
CA LEU B 51 -15.73 4.26 13.92
C LEU B 51 -15.79 2.85 14.48
N ASN B 52 -15.02 1.95 13.88
CA ASN B 52 -14.92 0.58 14.33
C ASN B 52 -14.40 0.49 15.76
N GLU B 53 -13.34 1.26 16.06
CA GLU B 53 -12.89 1.40 17.44
C GLU B 53 -14.00 1.89 18.34
N LEU B 54 -14.68 2.96 17.93
CA LEU B 54 -15.73 3.54 18.77
C LEU B 54 -16.86 2.55 19.02
N SER B 55 -17.23 1.78 18.00
CA SER B 55 -18.31 0.81 18.18
C SER B 55 -17.91 -0.27 19.16
N LYS B 56 -16.68 -0.75 19.06
CA LYS B 56 -16.25 -1.83 19.94
C LYS B 56 -16.13 -1.37 21.39
N SER B 57 -15.78 -0.10 21.62
CA SER B 57 -15.73 0.43 22.98
C SER B 57 -17.13 0.61 23.56
N ILE B 58 -18.12 0.91 22.72
CA ILE B 58 -19.48 1.06 23.21
C ILE B 58 -20.04 -0.29 23.65
N ASP B 59 -19.74 -1.35 22.88
CA ASP B 59 -20.21 -2.68 23.24
C ASP B 59 -19.62 -3.12 24.58
N ILE B 60 -18.38 -2.74 24.86
CA ILE B 60 -17.74 -3.11 26.13
C ILE B 60 -18.51 -2.49 27.30
N TYR B 61 -18.88 -1.21 27.18
CA TYR B 61 -19.67 -0.59 28.25
C TYR B 61 -21.04 -1.26 28.39
N LEU B 62 -21.72 -1.50 27.25
CA LEU B 62 -23.08 -2.06 27.31
C LEU B 62 -23.07 -3.44 27.93
N LYS B 63 -21.97 -4.17 27.73
CA LYS B 63 -21.71 -5.50 28.26
C LYS B 63 -21.19 -5.53 29.68
N LYS B 64 -20.55 -4.47 30.15
CA LYS B 64 -20.07 -4.45 31.52
C LYS B 64 -21.13 -3.92 32.50
N TYR B 65 -21.90 -2.92 32.08
CA TYR B 65 -22.91 -2.26 32.93
C TYR B 65 -24.29 -2.38 32.27
N LYS B 66 -24.89 -3.56 32.37
CA LYS B 66 -26.09 -3.82 31.58
C LYS B 66 -27.33 -3.08 32.09
N ASN B 67 -27.26 -2.46 33.27
CA ASN B 67 -28.38 -1.68 33.79
C ASN B 67 -28.00 -0.22 34.02
N SER B 68 -26.87 0.22 33.45
CA SER B 68 -26.45 1.61 33.58
C SER B 68 -27.47 2.53 32.91
N LYS B 69 -27.69 3.69 33.52
CA LYS B 69 -28.63 4.63 32.93
C LYS B 69 -28.01 5.34 31.72
N ARG B 70 -26.71 5.16 31.46
CA ARG B 70 -26.08 5.70 30.25
C ARG B 70 -26.43 4.91 29.01
N ASN B 71 -26.97 3.69 29.15
CA ASN B 71 -27.04 2.78 28.02
C ASN B 71 -27.97 3.30 26.91
N ASN B 72 -28.99 4.09 27.27
CA ASN B 72 -29.92 4.59 26.27
C ASN B 72 -29.22 5.53 25.29
N ALA B 73 -28.47 6.50 25.80
CA ALA B 73 -27.71 7.38 24.91
C ALA B 73 -26.64 6.60 24.16
N LEU B 74 -26.04 5.60 24.81
CA LEU B 74 -24.94 4.89 24.17
C LEU B 74 -25.44 4.00 23.03
N TYR B 75 -26.60 3.36 23.19
CA TYR B 75 -27.14 2.61 22.07
C TYR B 75 -27.58 3.53 20.94
N GLN B 76 -28.13 4.70 21.27
CA GLN B 76 -28.44 5.67 20.23
C GLN B 76 -27.20 6.02 19.42
N LEU B 77 -26.09 6.28 20.10
CA LEU B 77 -24.84 6.59 19.40
C LEU B 77 -24.35 5.42 18.56
N LYS B 78 -24.41 4.21 19.12
CA LYS B 78 -24.03 3.00 18.39
C LYS B 78 -24.81 2.91 17.10
N SER B 79 -26.10 3.18 17.23
CA SER B 79 -27.01 3.11 16.11
C SER B 79 -26.61 4.17 15.05
N ASP B 80 -26.22 5.39 15.48
CA ASP B 80 -25.77 6.48 14.60
C ASP B 80 -24.51 6.14 13.78
N LEU B 81 -23.69 5.19 14.27
CA LEU B 81 -22.45 4.84 13.57
C LEU B 81 -22.74 4.28 12.19
N THR B 82 -23.80 3.50 12.07
CA THR B 82 -24.09 2.85 10.79
C THR B 82 -24.44 3.86 9.71
N LYS B 83 -25.29 4.87 9.99
CA LYS B 83 -25.54 5.85 8.93
C LYS B 83 -24.25 6.60 8.61
N GLU B 84 -23.39 6.79 9.63
CA GLU B 84 -22.12 7.46 9.38
C GLU B 84 -21.23 6.60 8.48
N VAL B 85 -21.30 5.28 8.61
CA VAL B 85 -20.58 4.40 7.70
C VAL B 85 -21.07 4.60 6.27
N ILE B 86 -22.39 4.67 6.10
CA ILE B 86 -22.97 4.92 4.79
C ILE B 86 -22.47 6.25 4.23
N GLU B 87 -22.37 7.27 5.08
CA GLU B 87 -21.98 8.60 4.62
C GLU B 87 -20.51 8.66 4.20
N ILE B 88 -19.63 7.99 4.95
CA ILE B 88 -18.23 7.89 4.54
C ILE B 88 -18.10 7.09 3.25
N LYS B 89 -18.85 6.00 3.14
CA LYS B 89 -18.76 5.15 1.95
C LYS B 89 -19.12 5.90 0.68
N ASP B 90 -19.96 6.92 0.78
CA ASP B 90 -20.50 7.61 -0.39
C ASP B 90 -19.96 9.02 -0.54
N THR B 91 -18.93 9.36 0.21
CA THR B 91 -18.18 10.57 -0.04
C THR B 91 -16.78 10.06 -0.18
N ASN B 92 -15.80 10.92 -0.35
CA ASN B 92 -14.43 10.51 -0.16
C ASN B 92 -14.02 9.72 -1.42
N LEU B 93 -14.56 10.17 -2.56
CA LEU B 93 -14.53 9.44 -3.84
C LEU B 93 -13.20 9.58 -4.55
N LYS B 94 -12.77 8.49 -5.16
CA LYS B 94 -11.57 8.38 -5.96
C LYS B 94 -11.90 7.82 -7.33
N PRO B 95 -11.09 8.14 -8.34
CA PRO B 95 -11.37 7.65 -9.69
C PRO B 95 -11.29 6.13 -9.76
N LEU B 96 -12.28 5.54 -10.44
CA LEU B 96 -12.27 4.11 -10.67
C LEU B 96 -11.31 3.77 -11.82
N GLU B 97 -10.51 2.72 -11.63
CA GLU B 97 -9.62 2.25 -12.69
C GLU B 97 -10.43 1.81 -13.90
N LYS B 98 -10.03 2.27 -15.08
CA LYS B 98 -10.84 2.11 -16.29
C LYS B 98 -10.60 0.73 -16.92
N ASN B 99 -11.07 -0.29 -16.22
CA ASN B 99 -11.02 -1.67 -16.66
C ASN B 99 -12.43 -2.24 -16.72
N ILE B 100 -12.72 -2.96 -17.80
CA ILE B 100 -13.94 -3.75 -17.91
C ILE B 100 -13.54 -5.22 -17.96
N HIS B 101 -14.02 -5.99 -17.00
CA HIS B 101 -13.66 -7.39 -16.85
C HIS B 101 -14.82 -8.29 -17.24
N PHE B 102 -14.56 -9.24 -18.13
CA PHE B 102 -15.42 -10.38 -18.35
C PHE B 102 -14.65 -11.63 -17.96
N VAL B 103 -15.38 -12.67 -17.57
CA VAL B 103 -14.76 -13.94 -17.17
C VAL B 103 -15.49 -15.05 -17.91
N TRP B 104 -14.71 -15.92 -18.57
CA TRP B 104 -15.27 -17.12 -19.18
C TRP B 104 -14.27 -18.25 -18.99
N VAL B 105 -14.59 -19.16 -18.07
CA VAL B 105 -13.71 -20.28 -17.74
C VAL B 105 -14.43 -21.58 -18.07
N GLY B 106 -13.66 -22.59 -18.47
CA GLY B 106 -14.17 -23.93 -18.63
C GLY B 106 -14.41 -24.39 -20.06
N GLY B 107 -14.31 -23.50 -21.04
CA GLY B 107 -14.51 -23.93 -22.41
C GLY B 107 -14.54 -22.74 -23.36
N MET B 108 -14.91 -23.05 -24.59
CA MET B 108 -14.97 -22.02 -25.64
C MET B 108 -16.07 -21.02 -25.34
N ILE B 109 -15.76 -19.75 -25.55
CA ILE B 109 -16.77 -18.70 -25.38
C ILE B 109 -17.63 -18.65 -26.63
N ASN B 110 -18.94 -18.47 -26.43
CA ASN B 110 -19.87 -18.45 -27.55
C ASN B 110 -19.74 -17.15 -28.33
N ASN B 111 -20.04 -17.22 -29.62
CA ASN B 111 -19.89 -16.03 -30.45
C ASN B 111 -20.92 -14.95 -30.09
N ILE B 112 -22.09 -15.36 -29.58
CA ILE B 112 -23.09 -14.37 -29.18
C ILE B 112 -22.55 -13.52 -28.02
N SER B 113 -21.80 -14.14 -27.11
CA SER B 113 -21.20 -13.41 -26.00
C SER B 113 -20.16 -12.40 -26.48
N ILE B 114 -19.38 -12.78 -27.49
CA ILE B 114 -18.42 -11.84 -28.08
C ILE B 114 -19.15 -10.62 -28.63
N ASP B 115 -20.32 -10.84 -29.26
CA ASP B 115 -21.10 -9.72 -29.76
C ASP B 115 -21.54 -8.78 -28.65
N TYR B 116 -22.00 -9.33 -27.51
CA TYR B 116 -22.36 -8.49 -26.37
C TYR B 116 -21.14 -7.71 -25.86
N ILE B 117 -20.02 -8.41 -25.66
CA ILE B 117 -18.81 -7.78 -25.17
C ILE B 117 -18.39 -6.63 -26.08
N ASN B 118 -18.56 -6.81 -27.39
CA ASN B 118 -18.13 -5.80 -28.34
C ASN B 118 -18.95 -4.53 -28.22
N GLN B 119 -20.20 -4.63 -27.74
CA GLN B 119 -20.96 -3.41 -27.49
C GLN B 119 -20.29 -2.57 -26.41
N TRP B 120 -19.86 -3.22 -25.32
CA TRP B 120 -19.14 -2.49 -24.27
C TRP B 120 -17.83 -1.92 -24.77
N LYS B 121 -17.09 -2.70 -25.57
CA LYS B 121 -15.81 -2.24 -26.10
C LYS B 121 -15.99 -1.01 -26.98
N ASP B 122 -16.98 -1.04 -27.88
CA ASP B 122 -17.12 0.03 -28.87
C ASP B 122 -17.42 1.38 -28.22
N ILE B 123 -18.32 1.42 -27.24
CA ILE B 123 -18.71 2.70 -26.67
C ILE B 123 -17.78 3.19 -25.57
N ASN B 124 -16.95 2.31 -25.00
CA ASN B 124 -16.06 2.71 -23.91
C ASN B 124 -14.61 2.58 -24.35
N SER B 125 -14.21 3.38 -25.33
CA SER B 125 -12.84 3.33 -25.84
C SER B 125 -11.81 3.76 -24.81
N ASP B 126 -12.21 4.47 -23.77
CA ASP B 126 -11.27 4.85 -22.71
C ASP B 126 -11.04 3.75 -21.69
N TYR B 127 -11.73 2.62 -21.82
CA TYR B 127 -11.54 1.48 -20.92
C TYR B 127 -10.77 0.38 -21.63
N GLU B 128 -9.92 -0.32 -20.88
CA GLU B 128 -9.35 -1.57 -21.34
C GLU B 128 -10.31 -2.69 -20.98
N THR B 129 -10.82 -3.38 -22.00
CA THR B 129 -11.77 -4.46 -21.80
C THR B 129 -11.04 -5.79 -21.90
N ILE B 130 -11.14 -6.61 -20.86
CA ILE B 130 -10.39 -7.85 -20.75
C ILE B 130 -11.36 -9.01 -20.59
N ILE B 131 -11.22 -10.02 -21.43
CA ILE B 131 -11.89 -11.30 -21.24
C ILE B 131 -10.88 -12.23 -20.57
N TRP B 132 -11.13 -12.54 -19.30
CA TRP B 132 -10.28 -13.46 -18.56
C TRP B 132 -10.71 -14.89 -18.82
N TYR B 133 -9.76 -15.76 -19.09
CA TYR B 133 -10.02 -17.18 -19.25
C TYR B 133 -8.90 -17.98 -18.59
N ASP B 134 -9.08 -19.28 -18.51
CA ASP B 134 -8.10 -20.19 -17.91
C ASP B 134 -7.66 -21.17 -18.98
N SER B 135 -6.40 -21.04 -19.44
CA SER B 135 -5.90 -21.86 -20.53
C SER B 135 -5.78 -23.33 -20.14
N GLU B 136 -5.73 -23.65 -18.85
CA GLU B 136 -5.65 -25.03 -18.41
C GLU B 136 -7.01 -25.68 -18.23
N ALA B 137 -8.10 -24.93 -18.35
CA ALA B 137 -9.44 -25.41 -18.02
C ALA B 137 -10.37 -25.50 -19.23
N LEU B 138 -9.83 -25.40 -20.45
CA LEU B 138 -10.69 -25.38 -21.63
C LEU B 138 -11.41 -26.71 -21.87
N LEU B 139 -11.00 -27.81 -21.22
CA LEU B 139 -11.69 -29.09 -21.37
C LEU B 139 -12.58 -29.43 -20.18
N VAL B 140 -12.66 -28.56 -19.18
CA VAL B 140 -13.42 -28.90 -17.97
C VAL B 140 -14.88 -29.12 -18.32
N ASN B 141 -15.48 -28.19 -19.07
CA ASN B 141 -16.89 -28.34 -19.45
C ASN B 141 -17.10 -29.63 -20.23
N ILE B 142 -16.16 -29.99 -21.11
CA ILE B 142 -16.28 -31.22 -21.86
C ILE B 142 -16.27 -32.42 -20.92
N LEU B 143 -15.38 -32.41 -19.93
CA LEU B 143 -15.33 -33.50 -18.96
C LEU B 143 -16.64 -33.59 -18.17
N LYS B 144 -17.18 -32.44 -17.75
CA LYS B 144 -18.44 -32.45 -16.99
C LYS B 144 -19.57 -33.05 -17.82
N LYS B 145 -19.71 -32.62 -19.08
CA LYS B 145 -20.76 -33.19 -19.92
C LYS B 145 -20.56 -34.68 -20.14
N ALA B 146 -19.32 -35.12 -20.33
CA ALA B 146 -19.04 -36.54 -20.52
C ALA B 146 -19.40 -37.34 -19.27
N ILE B 147 -19.08 -36.83 -18.09
CA ILE B 147 -19.43 -37.55 -16.87
C ILE B 147 -20.95 -37.63 -16.72
N ILE B 148 -21.64 -36.53 -17.00
CA ILE B 148 -23.09 -36.51 -16.85
C ILE B 148 -23.72 -37.42 -17.87
N ASP B 149 -23.15 -37.38 -19.06
CA ASP B 149 -23.71 -38.09 -20.21
C ASP B 149 -23.52 -39.60 -20.05
N SER B 150 -22.40 -39.98 -19.44
CA SER B 150 -22.11 -41.37 -19.14
C SER B 150 -22.90 -41.89 -17.95
N SER B 151 -23.29 -40.99 -17.05
CA SER B 151 -24.07 -41.44 -15.89
C SER B 151 -25.53 -41.60 -16.25
N ASN B 152 -26.02 -40.78 -17.16
CA ASN B 152 -27.31 -41.01 -17.78
C ASN B 152 -27.39 -42.41 -18.36
N LYS B 153 -26.39 -42.77 -19.19
CA LYS B 153 -26.42 -44.06 -19.87
C LYS B 153 -26.33 -45.21 -18.87
N GLU B 154 -25.50 -45.06 -17.82
CA GLU B 154 -25.34 -46.14 -16.86
C GLU B 154 -26.64 -46.41 -16.09
N VAL B 155 -27.30 -45.35 -15.63
CA VAL B 155 -28.54 -45.54 -14.89
C VAL B 155 -29.64 -46.06 -15.81
N LEU B 156 -29.76 -45.48 -17.02
CA LEU B 156 -30.85 -45.86 -17.91
C LEU B 156 -30.71 -47.30 -18.41
N THR B 157 -29.49 -47.80 -18.61
CA THR B 157 -29.37 -49.19 -19.03
C THR B 157 -29.62 -50.14 -17.86
N LYS B 158 -29.24 -49.74 -16.65
CA LYS B 158 -29.40 -50.64 -15.51
C LYS B 158 -30.87 -50.82 -15.18
N TYR B 159 -31.68 -49.78 -15.39
CA TYR B 159 -33.12 -49.81 -15.10
C TYR B 159 -33.93 -49.71 -16.39
N GLU B 160 -33.48 -50.38 -17.45
CA GLU B 160 -34.23 -50.40 -18.70
C GLU B 160 -35.63 -50.99 -18.51
N SER B 161 -35.86 -51.75 -17.44
CA SER B 161 -37.16 -52.35 -17.17
C SER B 161 -37.84 -51.65 -16.01
N VAL B 162 -38.24 -50.41 -16.24
CA VAL B 162 -38.81 -49.59 -15.16
C VAL B 162 -39.85 -48.59 -15.69
N PHE B 168 -40.44 -46.82 -10.27
CA PHE B 168 -39.32 -46.01 -10.74
C PHE B 168 -39.84 -44.72 -11.36
N ASP B 169 -39.32 -43.58 -10.89
CA ASP B 169 -39.74 -42.28 -11.40
C ASP B 169 -38.53 -41.37 -11.49
N SER B 170 -38.79 -40.11 -11.83
CA SER B 170 -37.71 -39.15 -12.04
C SER B 170 -36.91 -38.94 -10.77
N ASN B 171 -37.55 -39.07 -9.61
CA ASN B 171 -36.85 -38.81 -8.37
C ASN B 171 -35.87 -39.92 -8.08
N LYS B 172 -36.24 -41.17 -8.39
CA LYS B 172 -35.32 -42.30 -8.27
C LYS B 172 -34.18 -42.19 -9.27
N PHE B 173 -34.48 -41.76 -10.50
CA PHE B 173 -33.44 -41.62 -11.52
C PHE B 173 -32.33 -40.68 -11.07
N TYR B 174 -32.70 -39.49 -10.57
CA TYR B 174 -31.68 -38.51 -10.21
C TYR B 174 -30.93 -38.91 -8.95
N ARG B 175 -31.59 -39.64 -8.03
CA ARG B 175 -30.88 -40.14 -6.86
C ARG B 175 -29.84 -41.18 -7.28
N GLU B 176 -30.23 -42.14 -8.13
CA GLU B 176 -29.29 -43.14 -8.59
C GLU B 176 -28.21 -42.53 -9.47
N ARG B 177 -28.56 -41.54 -10.29
CA ARG B 177 -27.57 -40.91 -11.15
C ARG B 177 -26.57 -40.12 -10.32
N MET B 178 -27.01 -39.49 -9.23
CA MET B 178 -26.09 -38.76 -8.38
C MET B 178 -25.04 -39.69 -7.79
N GLU B 179 -25.45 -40.90 -7.45
CA GLU B 179 -24.49 -41.91 -7.00
C GLU B 179 -23.42 -42.14 -8.05
N VAL B 180 -23.84 -42.27 -9.32
CA VAL B 180 -22.87 -42.52 -10.39
C VAL B 180 -22.00 -41.29 -10.63
N ILE B 181 -22.61 -40.10 -10.65
CA ILE B 181 -21.84 -38.88 -10.86
C ILE B 181 -20.82 -38.69 -9.74
N PHE B 182 -21.25 -38.92 -8.50
CA PHE B 182 -20.35 -38.78 -7.36
C PHE B 182 -19.16 -39.73 -7.47
N ARG B 183 -19.43 -41.00 -7.83
CA ARG B 183 -18.34 -41.96 -8.02
C ARG B 183 -17.41 -41.53 -9.14
N LYS B 184 -17.97 -41.10 -10.27
CA LYS B 184 -17.13 -40.71 -11.41
C LYS B 184 -16.33 -39.47 -11.10
N GLN B 185 -16.88 -38.55 -10.29
CA GLN B 185 -16.12 -37.39 -9.86
C GLN B 185 -14.92 -37.82 -9.02
N LYS B 186 -15.11 -38.80 -8.14
CA LYS B 186 -14.00 -39.25 -7.30
C LYS B 186 -12.99 -40.05 -8.11
N GLU B 187 -13.47 -40.82 -9.10
CA GLU B 187 -12.52 -41.51 -9.98
C GLU B 187 -11.59 -40.50 -10.64
N PHE B 188 -12.13 -39.37 -11.12
CA PHE B 188 -11.29 -38.38 -11.75
C PHE B 188 -10.32 -37.76 -10.75
N ASN B 189 -10.80 -37.45 -9.54
CA ASN B 189 -9.92 -36.80 -8.57
C ASN B 189 -8.84 -37.76 -8.07
N ASN B 190 -9.14 -39.05 -8.00
CA ASN B 190 -8.10 -40.03 -7.69
C ASN B 190 -7.05 -40.07 -8.79
N TYR B 191 -7.50 -40.08 -10.05
CA TYR B 191 -6.56 -40.02 -11.17
C TYR B 191 -5.80 -38.70 -11.17
N TYR B 192 -6.48 -37.61 -10.82
CA TYR B 192 -5.82 -36.30 -10.77
C TYR B 192 -4.74 -36.27 -9.70
N ASN B 193 -4.90 -37.01 -8.61
CA ASN B 193 -3.97 -36.99 -7.50
C ASN B 193 -2.97 -38.14 -7.54
N THR B 194 -2.89 -38.85 -8.67
CA THR B 194 -2.01 -40.00 -8.81
C THR B 194 -0.66 -39.61 -9.39
N ASN B 195 0.41 -40.01 -8.71
CA ASN B 195 1.78 -40.09 -9.26
C ASN B 195 2.20 -38.73 -9.81
N ASP B 196 2.65 -38.64 -11.07
CA ASP B 196 3.19 -37.43 -11.64
C ASP B 196 2.13 -36.40 -12.00
N ASN B 197 0.85 -36.74 -11.87
CA ASN B 197 -0.20 -35.78 -12.15
C ASN B 197 -0.32 -34.77 -11.02
N TYR B 198 -0.97 -33.64 -11.33
CA TYR B 198 -1.25 -32.46 -10.50
C TYR B 198 -0.12 -31.44 -10.62
N THR B 199 1.07 -31.90 -10.99
CA THR B 199 2.15 -30.99 -11.36
C THR B 199 2.43 -31.04 -12.86
N LYS B 200 1.88 -32.02 -13.59
CA LYS B 200 1.75 -31.89 -15.02
C LYS B 200 0.73 -30.79 -15.30
N SER B 201 0.65 -30.35 -16.55
CA SER B 201 -0.33 -29.33 -16.88
C SER B 201 -1.74 -29.90 -16.69
N LEU B 202 -2.60 -29.12 -16.04
CA LEU B 202 -3.96 -29.59 -15.74
C LEU B 202 -4.69 -29.99 -17.01
N ASN B 203 -4.50 -29.23 -18.09
CA ASN B 203 -5.16 -29.54 -19.36
C ASN B 203 -4.67 -30.88 -19.91
N ASP B 204 -3.37 -31.15 -19.81
CA ASP B 204 -2.85 -32.44 -20.28
C ASP B 204 -3.46 -33.60 -19.49
N VAL B 205 -3.60 -33.44 -18.17
CA VAL B 205 -4.19 -34.50 -17.37
C VAL B 205 -5.65 -34.75 -17.76
N ILE B 206 -6.40 -33.67 -17.98
CA ILE B 206 -7.80 -33.82 -18.37
C ILE B 206 -7.90 -34.46 -19.76
N LYS B 207 -7.06 -34.02 -20.69
CA LYS B 207 -7.12 -34.58 -22.04
C LYS B 207 -6.87 -36.08 -22.02
N VAL B 208 -5.86 -36.52 -21.29
CA VAL B 208 -5.53 -37.96 -21.25
C VAL B 208 -6.67 -38.74 -20.60
N TYR B 209 -7.24 -38.21 -19.52
CA TYR B 209 -8.36 -38.90 -18.87
C TYR B 209 -9.53 -39.04 -19.82
N LEU B 210 -9.80 -38.00 -20.62
CA LEU B 210 -10.92 -38.04 -21.56
C LEU B 210 -10.71 -39.05 -22.67
N ILE B 211 -9.47 -39.16 -23.18
CA ILE B 211 -9.17 -40.17 -24.18
C ILE B 211 -9.29 -41.57 -23.56
N GLU B 212 -8.86 -41.71 -22.31
CA GLU B 212 -8.80 -43.03 -21.70
C GLU B 212 -10.16 -43.54 -21.29
N LYS B 213 -11.02 -42.67 -20.75
CA LYS B 213 -12.22 -43.15 -20.07
C LYS B 213 -13.52 -42.75 -20.74
N TYR B 214 -13.52 -41.81 -21.68
CA TYR B 214 -14.78 -41.35 -22.26
C TYR B 214 -14.75 -41.29 -23.78
N LEU B 215 -13.88 -42.11 -24.38
CA LEU B 215 -13.84 -42.33 -25.84
C LEU B 215 -13.80 -41.02 -26.61
N LYS B 216 -12.95 -40.10 -26.17
CA LYS B 216 -12.66 -38.90 -26.94
C LYS B 216 -11.36 -39.12 -27.71
N THR B 217 -11.21 -38.43 -28.83
CA THR B 217 -9.98 -38.53 -29.60
C THR B 217 -9.08 -37.34 -29.34
N ASP B 218 -7.77 -37.61 -29.38
CA ASP B 218 -6.78 -36.55 -29.23
C ASP B 218 -7.00 -35.47 -30.26
N GLU B 219 -7.45 -35.86 -31.46
CA GLU B 219 -7.62 -34.89 -32.54
C GLU B 219 -8.79 -33.95 -32.28
N GLU B 220 -9.89 -34.45 -31.71
CA GLU B 220 -11.06 -33.61 -31.51
C GLU B 220 -10.89 -32.65 -30.35
N LEU B 221 -10.16 -33.06 -29.30
CA LEU B 221 -9.96 -32.17 -28.16
C LEU B 221 -8.95 -31.08 -28.50
N GLU B 222 -7.85 -31.43 -29.19
CA GLU B 222 -6.89 -30.42 -29.61
C GLU B 222 -7.54 -29.39 -30.54
N LYS B 223 -8.43 -29.84 -31.44
CA LYS B 223 -9.11 -28.89 -32.30
C LYS B 223 -9.97 -27.94 -31.49
N TYR B 224 -10.69 -28.47 -30.51
CA TYR B 224 -11.49 -27.61 -29.62
C TYR B 224 -10.58 -26.64 -28.88
N ILE B 225 -9.46 -27.12 -28.35
CA ILE B 225 -8.54 -26.24 -27.63
C ILE B 225 -8.04 -25.15 -28.57
N ASN B 226 -7.54 -25.55 -29.75
CA ASN B 226 -6.95 -24.59 -30.67
C ASN B 226 -7.98 -23.57 -31.15
N GLU B 227 -9.21 -24.02 -31.39
CA GLU B 227 -10.24 -23.10 -31.82
C GLU B 227 -10.64 -22.14 -30.70
N SER B 228 -10.67 -22.62 -29.45
CA SER B 228 -10.98 -21.72 -28.33
C SER B 228 -9.87 -20.70 -28.12
N LYS B 229 -8.61 -21.12 -28.18
CA LYS B 229 -7.51 -20.17 -28.00
C LYS B 229 -7.51 -19.12 -29.11
N GLU B 230 -7.81 -19.54 -30.35
CA GLU B 230 -7.82 -18.60 -31.47
C GLU B 230 -8.89 -17.54 -31.28
N VAL B 231 -10.09 -17.93 -30.84
CA VAL B 231 -11.14 -16.96 -30.59
C VAL B 231 -10.73 -15.99 -29.48
N PHE B 232 -10.16 -16.53 -28.41
CA PHE B 232 -9.74 -15.69 -27.29
C PHE B 232 -8.66 -14.70 -27.72
N LYS B 233 -7.63 -15.19 -28.41
CA LYS B 233 -6.51 -14.33 -28.79
C LYS B 233 -6.93 -13.27 -29.80
N ALA B 234 -7.90 -13.57 -30.67
CA ALA B 234 -8.40 -12.58 -31.60
C ALA B 234 -9.23 -11.50 -30.91
N ASN B 235 -9.64 -11.73 -29.67
CA ASN B 235 -10.46 -10.77 -28.94
C ASN B 235 -9.72 -10.17 -27.75
N GLY B 236 -8.39 -10.29 -27.73
CA GLY B 236 -7.60 -9.69 -26.67
C GLY B 236 -7.85 -10.28 -25.30
N ALA B 237 -8.16 -11.57 -25.22
CA ALA B 237 -8.37 -12.19 -23.93
C ALA B 237 -7.04 -12.30 -23.17
N LYS B 238 -7.14 -12.51 -21.86
CA LYS B 238 -5.98 -12.67 -21.00
C LYS B 238 -6.11 -13.95 -20.18
N ASP B 239 -5.06 -14.76 -20.20
CA ASP B 239 -5.03 -15.99 -19.42
C ASP B 239 -4.76 -15.69 -17.96
N ILE B 240 -5.60 -16.19 -17.07
CA ILE B 240 -5.38 -15.93 -15.65
C ILE B 240 -4.10 -16.61 -15.18
N ARG B 241 -3.69 -17.68 -15.84
CA ARG B 241 -2.47 -18.39 -15.46
C ARG B 241 -1.21 -17.59 -15.72
N GLU B 242 -1.28 -16.49 -16.48
CA GLU B 242 -0.10 -15.73 -16.86
C GLU B 242 -0.05 -14.34 -16.25
N TYR B 243 -1.06 -13.92 -15.51
CA TYR B 243 -1.09 -12.58 -14.94
C TYR B 243 -1.13 -12.61 -13.41
N ASP B 244 -0.62 -13.68 -12.81
CA ASP B 244 -0.52 -13.82 -11.36
C ASP B 244 -1.89 -13.69 -10.69
N ILE B 245 -2.95 -14.06 -11.41
CA ILE B 245 -4.29 -13.97 -10.83
C ILE B 245 -4.42 -14.94 -9.67
N LEU B 246 -3.83 -16.13 -9.79
CA LEU B 246 -3.96 -17.17 -8.76
C LEU B 246 -2.80 -17.15 -7.77
N ASP B 247 -2.27 -15.99 -7.41
CA ASP B 247 -1.14 -15.94 -6.49
C ASP B 247 -1.55 -16.35 -5.07
N ASP B 248 -2.76 -15.98 -4.64
CA ASP B 248 -3.27 -16.36 -3.32
C ASP B 248 -3.51 -17.87 -3.29
N VAL B 249 -2.70 -18.59 -2.52
CA VAL B 249 -2.77 -20.06 -2.56
C VAL B 249 -4.11 -20.56 -2.02
N GLU B 250 -4.68 -19.88 -1.04
CA GLU B 250 -5.97 -20.30 -0.50
C GLU B 250 -7.08 -20.13 -1.54
N LEU B 251 -7.11 -18.99 -2.22
CA LEU B 251 -8.13 -18.77 -3.25
C LEU B 251 -7.93 -19.71 -4.43
N LYS B 252 -6.68 -20.04 -4.76
CA LYS B 252 -6.43 -20.95 -5.88
C LYS B 252 -7.02 -22.33 -5.60
N SER B 253 -6.84 -22.85 -4.38
CA SER B 253 -7.41 -24.15 -4.05
C SER B 253 -8.93 -24.11 -4.13
N ILE B 254 -9.54 -23.02 -3.68
CA ILE B 254 -10.99 -22.88 -3.73
C ILE B 254 -11.46 -22.84 -5.18
N TYR B 255 -10.77 -22.04 -6.01
CA TYR B 255 -11.09 -22.00 -7.44
C TYR B 255 -10.97 -23.40 -8.07
N GLU B 256 -9.88 -24.10 -7.81
CA GLU B 256 -9.68 -25.41 -8.43
C GLU B 256 -10.53 -26.49 -7.81
N GLN B 257 -10.97 -26.31 -6.57
CA GLN B 257 -11.93 -27.24 -5.99
C GLN B 257 -13.26 -27.16 -6.71
N GLU B 258 -13.73 -25.95 -7.03
CA GLU B 258 -14.94 -25.81 -7.82
C GLU B 258 -14.75 -26.35 -9.23
N LEU B 259 -13.56 -26.14 -9.80
CA LEU B 259 -13.28 -26.55 -11.18
C LEU B 259 -13.26 -28.06 -11.32
N LEU B 260 -12.62 -28.76 -10.39
CA LEU B 260 -12.26 -30.16 -10.59
C LEU B 260 -12.97 -31.15 -9.69
N MET B 261 -13.59 -30.70 -8.61
CA MET B 261 -14.31 -31.61 -7.72
C MET B 261 -15.82 -31.46 -7.79
N ARG B 262 -16.31 -30.27 -8.08
CA ARG B 262 -17.71 -30.06 -8.36
C ARG B 262 -18.02 -29.82 -9.83
N PHE B 263 -17.01 -29.48 -10.64
CA PHE B 263 -17.23 -29.06 -12.03
C PHE B 263 -18.28 -27.95 -12.09
N ASN B 264 -18.21 -27.05 -11.12
CA ASN B 264 -19.15 -25.93 -11.02
C ASN B 264 -18.47 -24.69 -11.59
N LEU B 265 -18.68 -24.46 -12.89
CA LEU B 265 -18.04 -23.34 -13.56
C LEU B 265 -18.63 -22.01 -13.14
N ALA B 266 -19.92 -21.98 -12.85
CA ALA B 266 -20.54 -20.76 -12.31
C ALA B 266 -19.87 -20.34 -11.00
N SER B 267 -19.70 -21.29 -10.08
CA SER B 267 -19.00 -21.00 -8.83
C SER B 267 -17.54 -20.63 -9.08
N ALA B 268 -16.87 -21.35 -9.99
CA ALA B 268 -15.48 -21.04 -10.30
C ALA B 268 -15.36 -19.61 -10.81
N SER B 269 -16.32 -19.17 -11.62
CA SER B 269 -16.33 -17.80 -12.11
C SER B 269 -16.69 -16.80 -11.01
N ASP B 270 -17.51 -17.22 -10.04
CA ASP B 270 -17.76 -16.39 -8.87
C ASP B 270 -16.46 -16.05 -8.15
N ILE B 271 -15.51 -16.98 -8.13
CA ILE B 271 -14.25 -16.75 -7.45
C ILE B 271 -13.37 -15.80 -8.25
N ILE B 272 -13.20 -16.08 -9.55
CA ILE B 272 -12.25 -15.34 -10.36
C ILE B 272 -12.64 -13.87 -10.47
N ARG B 273 -13.95 -13.60 -10.66
CA ARG B 273 -14.37 -12.21 -10.80
C ARG B 273 -14.02 -11.37 -9.58
N VAL B 274 -14.06 -11.97 -8.39
CA VAL B 274 -13.67 -11.24 -7.18
C VAL B 274 -12.16 -11.01 -7.15
N ILE B 275 -11.38 -12.02 -7.54
CA ILE B 275 -9.92 -11.91 -7.51
C ILE B 275 -9.46 -10.83 -8.48
N VAL B 276 -9.98 -10.86 -9.71
CA VAL B 276 -9.49 -9.95 -10.74
C VAL B 276 -9.87 -8.52 -10.41
N LEU B 277 -11.09 -8.31 -9.90
CA LEU B 277 -11.52 -6.97 -9.50
C LEU B 277 -10.70 -6.47 -8.32
N ASN B 278 -10.40 -7.34 -7.36
CA ASN B 278 -9.60 -6.92 -6.21
C ASN B 278 -8.19 -6.55 -6.62
N LYS B 279 -7.66 -7.22 -7.65
CA LYS B 279 -6.29 -7.01 -8.07
C LYS B 279 -6.15 -5.74 -8.93
N LEU B 280 -7.13 -5.50 -9.80
CA LEU B 280 -7.00 -4.48 -10.82
C LEU B 280 -8.05 -3.38 -10.74
N GLY B 281 -9.20 -3.64 -10.13
CA GLY B 281 -10.23 -2.62 -10.06
C GLY B 281 -10.96 -2.41 -11.37
N GLY B 282 -12.07 -1.68 -11.32
CA GLY B 282 -12.89 -1.40 -12.47
C GLY B 282 -14.30 -1.92 -12.30
N ILE B 283 -14.86 -2.47 -13.36
CA ILE B 283 -16.21 -3.03 -13.36
C ILE B 283 -16.15 -4.43 -13.96
N TYR B 284 -16.77 -5.39 -13.27
CA TYR B 284 -16.99 -6.73 -13.79
C TYR B 284 -18.40 -6.85 -14.35
N LEU B 285 -18.55 -7.61 -15.44
CA LEU B 285 -19.84 -7.84 -16.07
C LEU B 285 -19.96 -9.28 -16.52
N ASP B 286 -21.14 -9.86 -16.31
CA ASP B 286 -21.51 -11.10 -16.99
C ASP B 286 -21.63 -10.83 -18.49
N VAL B 287 -21.35 -11.87 -19.30
CA VAL B 287 -21.33 -11.67 -20.74
C VAL B 287 -22.72 -11.45 -21.34
N ASP B 288 -23.78 -11.58 -20.56
CA ASP B 288 -25.13 -11.34 -21.07
C ASP B 288 -25.73 -10.04 -20.59
N VAL B 289 -24.91 -9.11 -20.11
CA VAL B 289 -25.35 -7.79 -19.66
C VAL B 289 -24.92 -6.77 -20.72
N LEU B 290 -25.86 -5.95 -21.17
CA LEU B 290 -25.59 -4.92 -22.16
C LEU B 290 -25.55 -3.54 -21.50
N PRO B 291 -25.02 -2.54 -22.20
CA PRO B 291 -25.02 -1.18 -21.65
C PRO B 291 -26.45 -0.69 -21.42
N GLY B 292 -26.58 0.27 -20.51
CA GLY B 292 -27.86 0.89 -20.29
C GLY B 292 -28.27 1.75 -21.47
N ILE B 293 -29.57 1.86 -21.68
CA ILE B 293 -30.14 2.75 -22.68
C ILE B 293 -30.42 4.11 -22.02
N LYS B 294 -30.03 5.21 -22.69
CA LYS B 294 -30.21 6.55 -22.17
C LYS B 294 -31.69 6.90 -22.05
N LYS B 295 -32.04 7.75 -21.08
CA LYS B 295 -33.45 8.07 -20.82
C LYS B 295 -34.23 8.66 -22.00
N HIS B 296 -33.52 9.39 -22.81
CA HIS B 296 -34.22 10.28 -23.70
C HIS B 296 -34.58 9.62 -25.01
N ILE B 297 -34.08 8.42 -25.26
CA ILE B 297 -34.35 7.78 -26.54
C ILE B 297 -35.84 7.47 -26.67
N PHE B 298 -36.40 6.78 -25.68
CA PHE B 298 -37.78 6.33 -25.77
C PHE B 298 -38.66 7.10 -24.81
N LYS B 299 -38.18 8.24 -24.32
CA LYS B 299 -38.89 8.98 -23.27
C LYS B 299 -40.25 9.51 -23.75
N ASP B 300 -40.35 9.86 -25.02
CA ASP B 300 -41.59 10.41 -25.54
C ASP B 300 -42.59 9.34 -25.97
N ILE B 301 -42.19 8.07 -25.95
CA ILE B 301 -43.06 6.97 -26.26
C ILE B 301 -43.61 6.40 -24.96
N ASN B 302 -44.93 6.33 -24.92
CA ASN B 302 -45.73 5.97 -23.76
C ASN B 302 -45.79 4.45 -23.67
N LYS B 303 -45.33 3.89 -22.55
CA LYS B 303 -45.33 2.42 -22.43
C LYS B 303 -46.75 1.90 -22.34
N PRO B 304 -47.14 0.93 -23.15
CA PRO B 304 -48.50 0.39 -23.04
C PRO B 304 -48.72 -0.28 -21.69
N THR B 305 -49.94 -0.12 -21.17
CA THR B 305 -50.25 -0.67 -19.85
C THR B 305 -50.15 -2.19 -19.83
N ASN B 306 -50.41 -2.81 -20.97
CA ASN B 306 -50.28 -4.26 -21.11
C ASN B 306 -48.82 -4.69 -20.89
N ILE B 307 -47.84 -3.86 -21.30
CA ILE B 307 -46.44 -4.25 -21.33
C ILE B 307 -45.81 -4.07 -19.96
N SER B 308 -45.14 -5.11 -19.49
CA SER B 308 -44.32 -5.10 -18.28
C SER B 308 -43.24 -4.01 -18.33
N GLU B 309 -42.73 -3.58 -17.17
CA GLU B 309 -41.60 -2.64 -17.22
C GLU B 309 -40.31 -3.31 -17.68
N ASN B 310 -40.01 -4.53 -17.26
CA ASN B 310 -38.88 -5.05 -18.01
C ASN B 310 -39.21 -5.62 -19.38
N LYS B 311 -40.43 -6.00 -19.73
CA LYS B 311 -40.58 -6.34 -21.14
C LYS B 311 -40.49 -5.08 -21.99
N TRP B 312 -40.82 -3.92 -21.42
CA TRP B 312 -40.58 -2.66 -22.12
C TRP B 312 -39.10 -2.46 -22.42
N GLN B 313 -38.23 -2.83 -21.47
CA GLN B 313 -36.80 -2.80 -21.76
C GLN B 313 -36.43 -3.85 -22.79
N MET B 314 -37.06 -5.03 -22.73
CA MET B 314 -36.83 -6.03 -23.77
C MET B 314 -37.23 -5.47 -25.13
N ILE B 315 -38.36 -4.76 -25.19
CA ILE B 315 -38.83 -4.17 -26.44
C ILE B 315 -37.85 -3.13 -26.95
N GLN B 316 -37.28 -2.33 -26.03
CA GLN B 316 -36.33 -1.30 -26.43
C GLN B 316 -35.07 -1.90 -27.01
N LEU B 317 -34.53 -2.96 -26.39
CA LEU B 317 -33.36 -3.62 -26.93
C LEU B 317 -33.66 -4.24 -28.30
N GLU B 318 -34.83 -4.87 -28.44
CA GLU B 318 -35.19 -5.48 -29.70
C GLU B 318 -35.38 -4.44 -30.80
N THR B 319 -35.95 -3.28 -30.46
CA THR B 319 -36.08 -2.21 -31.44
C THR B 319 -34.72 -1.73 -31.92
N ILE B 320 -33.80 -1.51 -30.97
CA ILE B 320 -32.47 -1.01 -31.32
C ILE B 320 -31.75 -2.00 -32.23
N MET B 321 -31.78 -3.29 -31.87
CA MET B 321 -31.03 -4.28 -32.64
C MET B 321 -31.65 -4.51 -34.01
N LYS B 322 -32.98 -4.39 -34.11
CA LYS B 322 -33.64 -4.65 -35.39
C LYS B 322 -33.28 -3.59 -36.43
N TYR B 323 -33.16 -2.33 -36.00
CA TYR B 323 -32.94 -1.23 -36.92
C TYR B 323 -31.52 -0.67 -36.90
N LYS B 324 -30.68 -1.09 -35.95
CA LYS B 324 -29.27 -0.74 -35.97
C LYS B 324 -28.37 -1.92 -36.26
N GLN B 325 -28.83 -3.14 -35.99
CA GLN B 325 -28.08 -4.36 -36.29
C GLN B 325 -26.72 -4.37 -35.60
N TYR B 326 -26.66 -3.76 -34.42
CA TYR B 326 -25.43 -3.82 -33.64
C TYR B 326 -25.07 -5.26 -33.33
N ILE B 327 -26.06 -6.08 -33.00
CA ILE B 327 -25.89 -7.52 -32.82
C ILE B 327 -26.76 -8.23 -33.83
N LYS B 328 -26.14 -9.02 -34.70
CA LYS B 328 -26.89 -9.77 -35.69
C LYS B 328 -27.71 -10.88 -35.02
N GLY B 329 -28.90 -11.15 -35.55
CA GLY B 329 -29.64 -12.28 -35.06
C GLY B 329 -30.42 -12.04 -33.80
N TYR B 330 -30.43 -10.81 -33.27
CA TYR B 330 -31.20 -10.53 -32.07
C TYR B 330 -32.68 -10.75 -32.33
N THR B 331 -33.36 -11.27 -31.33
CA THR B 331 -34.77 -11.64 -31.44
C THR B 331 -35.66 -10.43 -31.70
N GLU B 332 -36.88 -10.75 -32.18
CA GLU B 332 -37.95 -9.77 -32.38
C GLU B 332 -39.23 -10.19 -31.68
N ASN B 333 -39.15 -11.16 -30.79
CA ASN B 333 -40.38 -11.79 -30.30
C ASN B 333 -41.29 -10.79 -29.60
N SER B 334 -40.71 -9.90 -28.79
CA SER B 334 -41.52 -8.88 -28.15
C SER B 334 -42.01 -7.84 -29.15
N PHE B 335 -41.14 -7.45 -30.09
CA PHE B 335 -41.42 -6.35 -31.00
C PHE B 335 -42.55 -6.66 -31.98
N LYS B 336 -42.58 -7.89 -32.51
CA LYS B 336 -43.54 -8.19 -33.57
C LYS B 336 -44.99 -8.19 -33.11
N ASN B 337 -45.32 -8.65 -31.90
CA ASN B 337 -46.77 -8.55 -31.67
C ASN B 337 -47.22 -7.19 -31.20
N LEU B 338 -46.37 -6.14 -31.31
CA LEU B 338 -46.85 -4.82 -30.93
C LEU B 338 -47.74 -4.30 -32.05
N PRO B 339 -48.62 -3.35 -31.75
CA PRO B 339 -49.38 -2.71 -32.82
C PRO B 339 -48.44 -2.05 -33.82
N SER B 340 -48.83 -2.12 -35.11
CA SER B 340 -47.91 -1.72 -36.17
C SER B 340 -47.54 -0.26 -36.09
N ASP B 341 -48.43 0.59 -35.59
CA ASP B 341 -48.10 2.02 -35.46
C ASP B 341 -47.14 2.28 -34.31
N LEU B 342 -47.20 1.47 -33.25
CA LEU B 342 -46.19 1.60 -32.21
C LEU B 342 -44.85 1.03 -32.68
N GLN B 343 -44.89 0.00 -33.51
CA GLN B 343 -43.66 -0.47 -34.14
C GLN B 343 -42.96 0.66 -34.88
N GLU B 344 -43.74 1.46 -35.62
CA GLU B 344 -43.15 2.54 -36.41
C GLU B 344 -42.68 3.70 -35.54
N MET B 345 -43.36 3.95 -34.41
CA MET B 345 -42.93 5.03 -33.54
C MET B 345 -41.61 4.68 -32.85
N LEU B 346 -41.46 3.43 -32.41
CA LEU B 346 -40.19 2.99 -31.83
C LEU B 346 -39.06 3.02 -32.85
N GLN B 347 -39.33 2.62 -34.08
CA GLN B 347 -38.30 2.59 -35.12
C GLN B 347 -37.76 4.00 -35.40
N GLU B 348 -38.66 4.98 -35.52
CA GLU B 348 -38.27 6.38 -35.68
C GLU B 348 -37.31 6.84 -34.61
N LYS B 349 -37.58 6.52 -33.33
CA LYS B 349 -36.71 7.04 -32.28
C LYS B 349 -35.31 6.46 -32.40
N VAL B 350 -35.17 5.27 -32.97
CA VAL B 350 -33.86 4.63 -33.10
C VAL B 350 -33.14 5.09 -34.36
N VAL B 351 -33.84 5.14 -35.50
CA VAL B 351 -33.22 5.56 -36.75
C VAL B 351 -32.83 7.02 -36.70
N GLU B 352 -33.50 7.83 -35.89
CA GLU B 352 -33.16 9.23 -35.76
C GLU B 352 -31.79 9.43 -35.09
N LYS B 353 -31.37 8.51 -34.23
CA LYS B 353 -30.06 8.58 -33.62
C LYS B 353 -29.03 7.90 -34.52
N ASN B 354 -27.86 8.51 -34.62
CA ASN B 354 -26.81 8.01 -35.52
C ASN B 354 -25.67 7.33 -34.79
N LEU B 355 -25.27 7.82 -33.62
CA LEU B 355 -24.13 7.24 -32.93
C LEU B 355 -24.61 6.19 -31.94
N LYS B 356 -23.87 5.08 -31.88
CA LYS B 356 -24.14 4.07 -30.87
C LYS B 356 -24.07 4.65 -29.47
N SER B 357 -23.17 5.61 -29.24
CA SER B 357 -23.04 6.27 -27.94
C SER B 357 -24.15 7.27 -27.67
N ASP B 358 -24.96 7.61 -28.68
CA ASP B 358 -26.15 8.41 -28.44
C ASP B 358 -27.30 7.56 -27.92
N ILE B 359 -27.27 6.26 -28.15
CA ILE B 359 -28.32 5.35 -27.71
C ILE B 359 -27.94 4.68 -26.41
N PHE B 360 -26.74 4.14 -26.32
CA PHE B 360 -26.24 3.48 -25.13
C PHE B 360 -25.40 4.43 -24.29
N GLN B 361 -25.43 4.23 -22.98
CA GLN B 361 -24.72 5.08 -22.03
C GLN B 361 -23.33 4.53 -21.80
N ARG B 362 -22.31 5.34 -22.07
CA ARG B 362 -20.94 4.94 -21.80
C ARG B 362 -20.64 5.08 -20.30
N LEU B 363 -19.62 4.34 -19.84
CA LEU B 363 -19.26 4.39 -18.43
C LEU B 363 -18.67 5.75 -18.06
N GLY B 364 -17.88 6.34 -18.95
CA GLY B 364 -17.24 7.60 -18.63
C GLY B 364 -16.36 7.48 -17.40
N ASP B 365 -16.18 8.61 -16.73
CA ASP B 365 -15.40 8.66 -15.50
C ASP B 365 -16.29 8.29 -14.32
N ILE B 366 -15.90 7.24 -13.60
CA ILE B 366 -16.62 6.78 -12.43
C ILE B 366 -15.76 7.05 -11.20
N PHE B 367 -16.35 7.67 -10.19
CA PHE B 367 -15.70 7.95 -8.91
C PHE B 367 -16.40 7.15 -7.81
N ILE B 368 -15.60 6.51 -6.95
CA ILE B 368 -16.12 5.62 -5.93
C ILE B 368 -15.13 5.60 -4.78
N SER B 369 -15.64 5.31 -3.58
CA SER B 369 -14.80 5.27 -2.39
C SER B 369 -14.00 3.98 -2.30
N GLU B 370 -12.85 4.06 -1.63
CA GLU B 370 -12.04 2.86 -1.37
C GLU B 370 -12.72 1.89 -0.42
N LEU B 371 -13.75 2.34 0.29
CA LEU B 371 -14.49 1.44 1.16
C LEU B 371 -15.48 0.58 0.39
N ASP B 372 -15.91 1.05 -0.77
CA ASP B 372 -17.12 0.59 -1.43
C ASP B 372 -16.88 -0.63 -2.32
N THR B 373 -17.98 -1.36 -2.56
CA THR B 373 -18.08 -2.30 -3.67
C THR B 373 -19.55 -2.34 -4.06
N LYS B 374 -19.86 -1.86 -5.26
CA LYS B 374 -21.23 -1.82 -5.72
C LYS B 374 -21.59 -3.13 -6.45
N ILE B 375 -22.87 -3.47 -6.39
CA ILE B 375 -23.37 -4.73 -6.95
C ILE B 375 -24.71 -4.46 -7.60
N ALA B 376 -24.99 -5.21 -8.67
CA ALA B 376 -26.27 -5.03 -9.35
C ALA B 376 -27.40 -5.61 -8.53
N PHE B 377 -28.59 -5.05 -8.73
CA PHE B 377 -29.82 -5.58 -8.20
C PHE B 377 -30.69 -6.09 -9.34
N MET B 378 -31.43 -7.16 -9.06
CA MET B 378 -32.38 -7.71 -10.02
C MET B 378 -33.67 -8.00 -9.26
N PHE B 379 -34.72 -7.24 -9.57
CA PHE B 379 -36.00 -7.35 -8.89
C PHE B 379 -35.85 -7.11 -7.38
N GLY B 380 -35.04 -6.14 -7.01
CA GLY B 380 -34.81 -5.80 -5.62
C GLY B 380 -33.89 -6.73 -4.86
N LYS B 381 -33.25 -7.69 -5.54
CA LYS B 381 -32.32 -8.61 -4.88
C LYS B 381 -30.95 -8.44 -5.52
N ILE B 382 -29.90 -8.56 -4.69
CA ILE B 382 -28.55 -8.37 -5.21
C ILE B 382 -28.18 -9.54 -6.11
N ALA B 383 -27.50 -9.22 -7.21
CA ALA B 383 -27.01 -10.21 -8.15
C ALA B 383 -25.60 -9.83 -8.52
N ASN B 384 -24.67 -10.78 -8.45
CA ASN B 384 -23.26 -10.47 -8.68
C ASN B 384 -22.89 -10.47 -10.16
N GLN B 385 -23.89 -10.34 -11.05
CA GLN B 385 -23.64 -10.21 -12.48
C GLN B 385 -22.91 -8.91 -12.83
N VAL B 386 -23.03 -7.88 -11.99
CA VAL B 386 -22.28 -6.63 -12.15
C VAL B 386 -21.67 -6.25 -10.81
N LEU B 387 -20.37 -5.93 -10.82
CA LEU B 387 -19.68 -5.42 -9.65
C LEU B 387 -18.81 -4.25 -10.04
N ILE B 388 -18.71 -3.26 -9.15
CA ILE B 388 -17.84 -2.09 -9.35
C ILE B 388 -17.05 -1.88 -8.08
N SER B 389 -15.73 -1.76 -8.21
CA SER B 389 -14.90 -1.50 -7.05
C SER B 389 -13.50 -1.12 -7.48
N LYS B 390 -12.86 -0.28 -6.68
CA LYS B 390 -11.43 -0.03 -6.83
C LYS B 390 -10.64 -1.25 -6.35
N LYS B 391 -9.39 -1.33 -6.80
CA LYS B 391 -8.54 -2.43 -6.35
C LYS B 391 -8.28 -2.33 -4.85
N ASN B 392 -8.16 -3.50 -4.22
CA ASN B 392 -7.87 -3.59 -2.79
C ASN B 392 -8.89 -2.82 -1.94
N SER B 393 -10.13 -2.69 -2.43
CA SER B 393 -11.15 -1.99 -1.67
C SER B 393 -11.41 -2.69 -0.33
N TYR B 394 -11.92 -1.93 0.64
CA TYR B 394 -12.20 -2.51 1.94
C TYR B 394 -13.27 -3.58 1.84
N SER B 395 -14.29 -3.38 1.00
CA SER B 395 -15.37 -4.35 0.91
C SER B 395 -14.94 -5.60 0.17
N LEU B 396 -14.10 -5.47 -0.85
CA LEU B 396 -13.61 -6.65 -1.53
C LEU B 396 -12.80 -7.52 -0.57
N ASN B 397 -12.09 -6.90 0.37
CA ASN B 397 -11.37 -7.68 1.38
C ASN B 397 -12.34 -8.45 2.26
N LEU B 398 -13.43 -7.81 2.68
CA LEU B 398 -14.46 -8.50 3.46
C LEU B 398 -15.12 -9.60 2.64
N ILE B 399 -15.35 -9.34 1.34
CA ILE B 399 -15.94 -10.33 0.46
C ILE B 399 -15.00 -11.52 0.30
N ILE B 400 -13.69 -11.26 0.17
CA ILE B 400 -12.74 -12.35 0.06
C ILE B 400 -12.69 -13.15 1.36
N ASN B 401 -12.72 -12.48 2.50
CA ASN B 401 -12.70 -13.21 3.76
C ASN B 401 -13.96 -14.04 3.95
N GLN B 402 -15.09 -13.60 3.39
CA GLN B 402 -16.32 -14.40 3.45
C GLN B 402 -16.15 -15.70 2.68
N ILE B 403 -15.60 -15.62 1.46
CA ILE B 403 -15.35 -16.82 0.68
C ILE B 403 -14.46 -17.78 1.44
N LYS B 404 -13.32 -17.26 1.92
CA LYS B 404 -12.34 -18.10 2.60
C LYS B 404 -12.94 -18.74 3.84
N ASN B 405 -13.72 -17.98 4.61
CA ASN B 405 -14.32 -18.53 5.82
C ASN B 405 -15.35 -19.61 5.50
N ARG B 406 -16.19 -19.36 4.50
CA ARG B 406 -17.23 -20.34 4.15
C ARG B 406 -16.64 -21.61 3.59
N TYR B 407 -15.66 -21.50 2.70
CA TYR B 407 -15.01 -22.71 2.18
C TYR B 407 -14.19 -23.41 3.25
N ASN B 408 -13.63 -22.63 4.19
CA ASN B 408 -12.96 -23.23 5.32
C ASN B 408 -13.93 -24.12 6.09
N ILE B 409 -15.13 -23.61 6.38
CA ILE B 409 -16.10 -24.38 7.14
C ILE B 409 -16.55 -25.60 6.33
N ILE B 410 -16.89 -25.39 5.06
CA ILE B 410 -17.38 -26.50 4.23
C ILE B 410 -16.31 -27.59 4.12
N ASN B 411 -15.06 -27.19 3.92
CA ASN B 411 -14.00 -28.17 3.69
C ASN B 411 -13.62 -28.91 4.96
N LYS B 412 -13.88 -28.29 6.15
CA LYS B 412 -13.41 -28.88 7.41
C LYS B 412 -14.26 -30.12 7.70
N CYS B 413 -15.53 -30.09 7.26
CA CYS B 413 -16.48 -31.19 7.41
C CYS B 413 -16.60 -32.07 6.18
N LEU B 414 -16.31 -31.53 5.00
CA LEU B 414 -16.38 -32.33 3.78
C LEU B 414 -15.30 -33.39 3.75
N SER B 415 -14.12 -33.09 4.28
CA SER B 415 -13.01 -34.04 4.21
C SER B 415 -13.33 -35.31 4.99
N SER B 416 -13.77 -35.17 6.23
CA SER B 416 -14.25 -36.31 7.00
C SER B 416 -15.38 -37.03 6.27
N ALA B 417 -16.39 -36.29 5.80
CA ALA B 417 -17.58 -36.93 5.23
C ALA B 417 -17.24 -37.74 3.98
N ILE B 418 -16.40 -37.20 3.10
CA ILE B 418 -16.06 -37.93 1.88
C ILE B 418 -15.27 -39.19 2.20
N GLU B 419 -14.33 -39.10 3.15
CA GLU B 419 -13.55 -40.28 3.54
C GLU B 419 -14.43 -41.32 4.22
N LYS B 420 -15.21 -40.90 5.22
CA LYS B 420 -16.00 -41.82 6.02
C LYS B 420 -17.31 -42.24 5.35
N GLY B 421 -17.75 -41.53 4.31
CA GLY B 421 -19.05 -41.83 3.71
C GLY B 421 -18.93 -42.97 2.70
N SER B 422 -19.93 -43.85 2.71
CA SER B 422 -19.89 -45.05 1.87
C SER B 422 -20.51 -44.83 0.50
N ASN B 423 -21.47 -43.92 0.39
CA ASN B 423 -22.05 -43.54 -0.90
C ASN B 423 -22.33 -42.05 -0.84
N PHE B 424 -23.01 -41.53 -1.85
CA PHE B 424 -23.30 -40.10 -1.89
C PHE B 424 -24.22 -39.69 -0.76
N ASN B 425 -25.28 -40.46 -0.52
CA ASN B 425 -26.27 -40.01 0.46
C ASN B 425 -25.71 -40.09 1.88
N ASN B 426 -24.85 -41.07 2.16
CA ASN B 426 -24.24 -41.10 3.49
C ASN B 426 -23.21 -40.01 3.65
N THR B 427 -22.48 -39.68 2.58
CA THR B 427 -21.56 -38.55 2.63
C THR B 427 -22.30 -37.26 2.95
N VAL B 428 -23.46 -37.05 2.30
CA VAL B 428 -24.23 -35.84 2.54
C VAL B 428 -24.70 -35.77 3.99
N ASP B 429 -25.20 -36.89 4.51
CA ASP B 429 -25.71 -36.90 5.89
C ASP B 429 -24.60 -36.64 6.90
N ILE B 430 -23.44 -37.26 6.73
CA ILE B 430 -22.31 -37.00 7.60
C ILE B 430 -21.87 -35.54 7.48
N PHE B 431 -21.86 -35.02 6.25
CA PHE B 431 -21.56 -33.62 6.00
C PHE B 431 -22.48 -32.70 6.81
N ILE B 432 -23.80 -32.89 6.67
CA ILE B 432 -24.75 -32.10 7.44
C ILE B 432 -24.55 -32.37 8.94
N GLN B 433 -24.34 -33.63 9.28
CA GLN B 433 -24.05 -34.03 10.65
C GLN B 433 -22.93 -33.20 11.25
N GLN B 434 -21.78 -33.21 10.56
CA GLN B 434 -20.62 -32.49 11.07
C GLN B 434 -20.86 -30.98 11.07
N LEU B 435 -21.57 -30.46 10.06
CA LEU B 435 -21.88 -29.03 10.05
C LEU B 435 -22.67 -28.66 11.31
N ASN B 436 -23.60 -29.51 11.71
CA ASN B 436 -24.43 -29.20 12.87
C ASN B 436 -23.65 -29.35 14.19
N GLU B 437 -22.79 -30.36 14.35
CA GLU B 437 -22.13 -30.45 15.67
C GLU B 437 -21.17 -29.33 15.90
N PHE B 438 -20.64 -28.81 14.84
CA PHE B 438 -19.43 -28.03 14.90
C PHE B 438 -19.83 -26.56 14.92
N TYR B 439 -21.05 -26.30 14.38
CA TYR B 439 -21.73 -24.98 14.37
C TYR B 439 -23.20 -25.17 14.80
N VAL B 440 -23.42 -25.52 16.08
CA VAL B 440 -24.78 -25.73 16.60
C VAL B 440 -25.57 -24.42 16.63
N ASN B 441 -24.89 -23.31 16.94
CA ASN B 441 -25.53 -22.00 16.92
C ASN B 441 -25.94 -21.58 15.51
N GLU B 442 -25.17 -21.99 14.50
CA GLU B 442 -25.26 -21.45 13.14
C GLU B 442 -25.94 -22.48 12.24
N GLY B 443 -27.27 -22.60 12.41
CA GLY B 443 -28.06 -23.51 11.59
C GLY B 443 -28.60 -22.96 10.27
N PHE B 444 -28.90 -21.66 10.24
CA PHE B 444 -29.35 -21.03 9.00
C PHE B 444 -28.32 -21.20 7.89
N PHE B 445 -27.04 -21.03 8.24
CA PHE B 445 -25.97 -21.20 7.28
C PHE B 445 -25.90 -22.65 6.80
N VAL B 446 -26.07 -23.60 7.72
CA VAL B 446 -26.01 -25.02 7.36
C VAL B 446 -27.07 -25.36 6.33
N SER B 447 -28.28 -24.80 6.48
CA SER B 447 -29.34 -25.07 5.51
C SER B 447 -28.98 -24.56 4.12
N LYS B 448 -28.24 -23.45 4.03
CA LYS B 448 -27.88 -22.87 2.74
C LYS B 448 -26.73 -23.59 2.05
N VAL B 449 -25.94 -24.37 2.78
CA VAL B 449 -24.80 -25.09 2.21
C VAL B 449 -24.99 -26.59 2.25
N MET B 450 -26.13 -27.07 2.76
CA MET B 450 -26.43 -28.50 2.82
C MET B 450 -26.21 -29.20 1.48
N GLY B 451 -26.66 -28.59 0.40
CA GLY B 451 -26.68 -29.27 -0.88
C GLY B 451 -25.45 -29.03 -1.72
N TYR B 452 -24.32 -28.79 -1.05
CA TYR B 452 -23.08 -28.45 -1.74
C TYR B 452 -22.71 -29.51 -2.78
N LEU B 453 -22.76 -30.78 -2.38
CA LEU B 453 -22.32 -31.86 -3.27
C LEU B 453 -23.32 -32.18 -4.37
N GLY B 454 -24.58 -31.80 -4.22
CA GLY B 454 -25.57 -32.06 -5.23
C GLY B 454 -25.90 -30.87 -6.11
N ASP B 455 -25.26 -29.73 -5.87
CA ASP B 455 -25.59 -28.49 -6.57
C ASP B 455 -25.32 -28.63 -8.07
N GLY B 456 -26.36 -28.44 -8.87
CA GLY B 456 -26.25 -28.56 -10.31
C GLY B 456 -26.47 -29.95 -10.85
N TYR B 457 -26.52 -30.97 -9.98
CA TYR B 457 -26.72 -32.34 -10.40
C TYR B 457 -28.00 -32.96 -9.84
N MET B 458 -28.43 -32.54 -8.66
CA MET B 458 -29.65 -33.03 -8.04
C MET B 458 -30.70 -31.93 -8.08
N PRO B 459 -31.94 -32.24 -8.45
CA PRO B 459 -32.94 -31.18 -8.55
C PRO B 459 -33.19 -30.46 -7.24
N ASP B 460 -33.37 -29.14 -7.33
CA ASP B 460 -33.73 -28.28 -6.21
C ASP B 460 -32.74 -28.43 -5.05
N MET B 461 -31.46 -28.55 -5.39
CA MET B 461 -30.38 -28.57 -4.42
C MET B 461 -29.51 -27.38 -4.76
N ARG B 462 -29.40 -26.44 -3.82
CA ARG B 462 -28.71 -25.19 -4.07
C ARG B 462 -27.78 -24.89 -2.93
N ALA B 463 -26.55 -24.54 -3.26
CA ALA B 463 -25.57 -24.09 -2.27
C ALA B 463 -24.70 -22.94 -2.76
N THR B 464 -24.41 -22.85 -4.06
CA THR B 464 -23.46 -21.88 -4.60
C THR B 464 -23.79 -20.45 -4.18
N LEU B 465 -25.08 -20.10 -4.17
CA LEU B 465 -25.49 -18.72 -3.89
C LEU B 465 -24.94 -18.21 -2.56
N ASN B 466 -24.87 -19.09 -1.55
CA ASN B 466 -24.40 -18.70 -0.22
C ASN B 466 -22.96 -19.12 0.06
N ILE B 467 -22.23 -19.57 -0.95
CA ILE B 467 -20.82 -19.91 -0.81
C ILE B 467 -19.94 -18.95 -1.59
N SER B 468 -20.29 -18.71 -2.85
CA SER B 468 -19.55 -17.77 -3.67
C SER B 468 -20.42 -16.67 -4.25
N GLY B 469 -21.74 -16.82 -4.21
CA GLY B 469 -22.68 -15.93 -4.87
C GLY B 469 -23.18 -14.80 -3.99
N PRO B 470 -24.39 -14.32 -4.30
CA PRO B 470 -24.93 -13.13 -3.62
C PRO B 470 -24.91 -13.18 -2.10
N GLY B 471 -25.02 -14.37 -1.51
CA GLY B 471 -25.05 -14.47 -0.07
C GLY B 471 -23.80 -13.93 0.62
N ILE B 472 -22.64 -14.11 -0.01
CA ILE B 472 -21.41 -13.61 0.60
C ILE B 472 -21.35 -12.08 0.55
N TYR B 473 -22.03 -11.47 -0.42
CA TYR B 473 -22.05 -10.01 -0.49
C TYR B 473 -22.97 -9.42 0.56
N THR B 474 -24.13 -10.04 0.77
CA THR B 474 -25.01 -9.66 1.88
C THR B 474 -24.26 -9.69 3.21
N ALA B 475 -23.53 -10.77 3.45
CA ALA B 475 -22.78 -10.91 4.70
C ALA B 475 -21.63 -9.91 4.78
N ALA B 476 -20.97 -9.65 3.64
CA ALA B 476 -19.87 -8.69 3.66
C ALA B 476 -20.36 -7.29 3.94
N TYR B 477 -21.49 -6.91 3.36
CA TYR B 477 -22.05 -5.59 3.64
C TYR B 477 -22.53 -5.47 5.08
N TYR B 478 -23.04 -6.57 5.65
CA TYR B 478 -23.36 -6.58 7.07
C TYR B 478 -22.11 -6.40 7.92
N ASP B 479 -21.03 -7.08 7.54
CA ASP B 479 -19.75 -6.92 8.23
C ASP B 479 -19.28 -5.48 8.21
N LEU B 480 -19.39 -4.82 7.06
CA LEU B 480 -18.94 -3.44 6.96
C LEU B 480 -19.81 -2.51 7.79
N LEU B 481 -21.13 -2.56 7.59
CA LEU B 481 -22.02 -1.59 8.21
C LEU B 481 -22.09 -1.76 9.72
N TYR B 482 -21.95 -2.98 10.23
CA TYR B 482 -22.14 -3.25 11.64
C TYR B 482 -20.86 -3.74 12.32
N PHE B 483 -19.71 -3.51 11.68
CA PHE B 483 -18.40 -3.69 12.30
C PHE B 483 -18.22 -5.12 12.80
N ASN B 484 -18.46 -6.06 11.91
CA ASN B 484 -18.26 -7.47 12.19
C ASN B 484 -17.36 -8.06 11.12
N GLU B 485 -16.95 -9.31 11.36
CA GLU B 485 -16.11 -10.04 10.42
C GLU B 485 -16.65 -11.46 10.31
N ARG B 486 -16.72 -11.94 9.06
CA ARG B 486 -17.02 -13.34 8.77
C ARG B 486 -18.38 -13.78 9.35
N SER B 487 -19.36 -12.88 9.31
CA SER B 487 -20.69 -13.24 9.78
C SER B 487 -21.32 -14.24 8.81
N LEU B 488 -22.03 -15.22 9.38
CA LEU B 488 -22.67 -16.25 8.58
C LEU B 488 -24.17 -16.09 8.47
N ASN B 489 -24.78 -15.30 9.35
CA ASN B 489 -26.23 -15.06 9.36
C ASN B 489 -26.47 -13.57 9.46
N PRO B 490 -26.27 -12.84 8.37
CA PRO B 490 -26.38 -11.39 8.42
C PRO B 490 -27.81 -10.93 8.61
N GLN B 491 -27.97 -9.81 9.30
CA GLN B 491 -29.25 -9.15 9.49
C GLN B 491 -29.11 -7.73 8.93
N ILE B 492 -29.36 -7.59 7.63
CA ILE B 492 -29.24 -6.30 6.96
C ILE B 492 -30.51 -6.09 6.14
N LEU B 493 -31.08 -4.91 6.21
CA LEU B 493 -32.36 -4.66 5.60
C LEU B 493 -32.19 -4.12 4.18
N GLN B 494 -33.31 -3.98 3.47
CA GLN B 494 -33.25 -3.65 2.06
C GLN B 494 -32.84 -2.20 1.83
N GLU B 495 -33.09 -1.32 2.80
CA GLU B 495 -32.64 0.06 2.68
C GLU B 495 -31.13 0.15 2.76
N ASP B 496 -30.51 -0.61 3.67
CA ASP B 496 -29.06 -0.56 3.78
C ASP B 496 -28.39 -1.21 2.57
N LEU B 497 -28.96 -2.29 2.05
CA LEU B 497 -28.36 -2.97 0.89
C LEU B 497 -28.38 -2.09 -0.34
N LYS B 498 -29.37 -1.20 -0.46
CA LYS B 498 -29.50 -0.44 -1.70
C LYS B 498 -28.55 0.74 -1.76
N TYR B 499 -27.80 1.01 -0.69
CA TYR B 499 -26.66 1.92 -0.78
C TYR B 499 -25.48 1.33 -1.54
N PHE B 500 -25.54 0.05 -1.89
CA PHE B 500 -24.48 -0.65 -2.60
C PHE B 500 -24.86 -0.97 -4.05
N GLU B 501 -26.00 -0.45 -4.53
CA GLU B 501 -26.53 -0.86 -5.81
C GLU B 501 -25.74 -0.24 -6.96
N VAL B 502 -25.45 -1.04 -7.97
CA VAL B 502 -24.92 -0.47 -9.22
C VAL B 502 -26.00 0.37 -9.88
N PRO B 503 -25.74 1.64 -10.19
CA PRO B 503 -26.76 2.49 -10.82
C PRO B 503 -27.39 1.83 -12.05
N GLN B 504 -28.73 1.78 -12.05
CA GLN B 504 -29.45 1.10 -13.12
C GLN B 504 -29.22 1.74 -14.48
N ALA B 505 -28.89 3.03 -14.51
CA ALA B 505 -28.68 3.71 -15.79
C ALA B 505 -27.52 3.13 -16.58
N LEU B 506 -26.63 2.39 -15.93
CA LEU B 506 -25.42 1.89 -16.57
C LEU B 506 -25.60 0.55 -17.27
N ILE B 507 -26.70 -0.16 -17.03
CA ILE B 507 -26.82 -1.54 -17.49
C ILE B 507 -28.22 -1.82 -18.02
N SER B 508 -28.28 -2.71 -19.00
CA SER B 508 -29.52 -3.31 -19.48
C SER B 508 -29.45 -4.80 -19.14
N GLN B 509 -30.29 -5.22 -18.19
CA GLN B 509 -30.27 -6.63 -17.76
C GLN B 509 -31.23 -7.51 -18.54
N GLN B 510 -32.26 -6.94 -19.15
CA GLN B 510 -33.31 -7.74 -19.81
C GLN B 510 -32.93 -8.07 -21.25
N THR B 511 -31.82 -8.78 -21.40
CA THR B 511 -31.32 -9.13 -22.71
C THR B 511 -31.81 -10.53 -23.14
N GLU B 512 -31.67 -10.80 -24.44
CA GLU B 512 -32.08 -12.09 -24.99
C GLU B 512 -31.26 -13.24 -24.44
N GLN B 513 -29.93 -13.06 -24.39
CA GLN B 513 -29.05 -14.09 -23.83
C GLN B 513 -29.31 -14.28 -22.34
N GLU B 514 -29.71 -13.22 -21.64
CA GLU B 514 -30.09 -13.29 -20.23
C GLU B 514 -31.11 -14.41 -19.95
N ILE B 515 -32.25 -14.40 -20.66
CA ILE B 515 -33.20 -15.49 -20.45
C ILE B 515 -32.78 -16.67 -21.33
N THR B 520 -29.78 -23.75 -10.99
CA THR B 520 -30.98 -23.56 -11.80
C THR B 520 -31.61 -24.91 -12.17
N PHE B 521 -30.94 -26.00 -11.77
CA PHE B 521 -31.50 -27.34 -11.96
C PHE B 521 -32.62 -27.59 -10.96
N ASN B 522 -33.51 -28.55 -11.29
CA ASN B 522 -34.87 -28.07 -11.15
C ASN B 522 -35.94 -29.14 -11.31
N GLN B 523 -36.94 -29.11 -10.42
CA GLN B 523 -37.92 -30.19 -10.35
C GLN B 523 -38.71 -30.34 -11.65
N VAL B 524 -39.31 -29.24 -12.13
CA VAL B 524 -40.12 -29.39 -13.35
C VAL B 524 -39.23 -29.65 -14.55
N LYS B 525 -38.09 -28.95 -14.65
CA LYS B 525 -37.15 -29.25 -15.73
C LYS B 525 -36.54 -30.62 -15.58
N SER B 526 -36.36 -31.08 -14.33
CA SER B 526 -35.85 -32.42 -14.12
C SER B 526 -36.77 -33.45 -14.73
N GLN B 527 -38.09 -33.35 -14.50
CA GLN B 527 -39.02 -34.33 -15.05
C GLN B 527 -39.18 -34.15 -16.55
N ILE B 528 -39.15 -32.91 -17.04
CA ILE B 528 -39.17 -32.69 -18.49
C ILE B 528 -37.89 -33.25 -19.11
N GLU B 529 -36.74 -32.92 -18.53
CA GLU B 529 -35.48 -33.46 -19.06
C GLU B 529 -35.41 -34.97 -18.89
N TYR B 530 -35.96 -35.51 -17.78
CA TYR B 530 -36.00 -36.96 -17.62
C TYR B 530 -36.84 -37.60 -18.71
N LYS B 531 -37.95 -36.95 -19.07
CA LYS B 531 -38.82 -37.40 -20.18
C LYS B 531 -38.01 -37.58 -21.44
N LYS B 532 -37.24 -36.55 -21.76
CA LYS B 532 -36.47 -36.52 -22.99
C LYS B 532 -35.33 -37.53 -22.96
N LEU B 533 -34.72 -37.74 -21.80
CA LEU B 533 -33.61 -38.69 -21.72
C LEU B 533 -34.08 -40.12 -21.98
N VAL B 534 -35.22 -40.51 -21.39
CA VAL B 534 -35.75 -41.85 -21.63
C VAL B 534 -36.14 -42.00 -23.10
N GLU B 535 -36.62 -40.92 -23.72
CA GLU B 535 -37.01 -40.93 -25.12
C GLU B 535 -35.91 -41.48 -26.03
N LYS B 536 -34.65 -41.29 -25.64
CA LYS B 536 -33.51 -41.75 -26.44
C LYS B 536 -33.38 -43.27 -26.48
#